data_8HM3
#
_entry.id   8HM3
#
_cell.length_a   61.860
_cell.length_b   100.920
_cell.length_c   106.180
_cell.angle_alpha   90.000
_cell.angle_beta   100.463
_cell.angle_gamma   90.000
#
_symmetry.space_group_name_H-M   'P 1 21 1'
#
loop_
_entity.id
_entity.type
_entity.pdbx_description
1 polymer 'Putative ubiquitin'
2 polymer 'Peptidylprolyl isomerase'
3 non-polymer GLYCEROL
4 non-polymer 'SULFATE ION'
5 non-polymer 'MAGNESIUM ION'
6 water water
#
loop_
_entity_poly.entity_id
_entity_poly.type
_entity_poly.pdbx_seq_one_letter_code
_entity_poly.pdbx_strand_id
1 'polypeptide(L)' MQVFIKNRYGWTITLEVSPTDTVENVKQKIQDKEGFPPDKIRLIYGGKQMEDGRTLADYNVQKDSTILICIRDVDC A,C
2 'polypeptide(L)'
;MEVVWVIGDEAILKSDVEEARLAALYEGRKFDGDPYCVIPEELAVQKLYMHQAVLDSIEVPEAEVIQRVDYQINNYIQAM
GTREKLEEYFNKTSTQIREAMRENARDGLIVQRMQQKLVGDIKVTPAEVRRYFKELPQDSIPYVPTQVEVQIITQQPKIP
VAEIEDVKRRLREYTDRINKGESDFSTLALLYSEDRGSAIKGGETGFMGKGQMVPEYANVAFNLQDTKKISKIVESEYGF
HIIQLIEKRGDRINTRHILLKPKVSDKELDEANARLDSIANDIRSDKFTFDQAASALSQDKDTRNNHGLMQNPQNQTAKF
EMQDLPQEIAKVVDKMNIGEISKAFTMVNPKDGKEVCAIVKLKSRINGHKATITDDYQNLKEIVLDKRREEALQKWIVEK
QKHTYVRINPAWQRCDFKYWSHPQFEK
;
B,D
#
# COMPACT_ATOMS: atom_id res chain seq x y z
N MET A 1 -43.64 -24.52 -33.24
CA MET A 1 -43.65 -23.95 -31.90
C MET A 1 -42.26 -24.07 -31.24
N GLN A 2 -41.33 -23.18 -31.63
CA GLN A 2 -39.91 -23.31 -31.33
C GLN A 2 -39.37 -22.07 -30.62
N VAL A 3 -38.36 -22.28 -29.78
CA VAL A 3 -37.67 -21.24 -29.03
C VAL A 3 -36.17 -21.47 -29.17
N PHE A 4 -35.38 -20.44 -28.86
CA PHE A 4 -33.91 -20.54 -28.81
C PHE A 4 -33.38 -20.80 -27.40
N ILE A 5 -32.44 -21.74 -27.28
CA ILE A 5 -31.66 -21.95 -26.06
C ILE A 5 -30.25 -21.43 -26.30
N LYS A 6 -29.75 -20.62 -25.38
CA LYS A 6 -28.50 -19.88 -25.51
C LYS A 6 -27.71 -20.01 -24.21
N ASN A 7 -26.39 -20.21 -24.31
CA ASN A 7 -25.51 -19.99 -23.16
C ASN A 7 -24.66 -18.73 -23.37
N ARG A 8 -23.72 -18.48 -22.48
CA ARG A 8 -22.89 -17.25 -22.54
C ARG A 8 -21.64 -17.46 -23.40
N TYR A 9 -21.55 -18.57 -24.15
CA TYR A 9 -20.28 -18.86 -24.85
C TYR A 9 -20.42 -19.14 -26.36
N GLY A 10 -21.43 -18.61 -27.05
CA GLY A 10 -21.49 -18.76 -28.53
C GLY A 10 -22.35 -19.93 -28.97
N TRP A 11 -22.73 -20.78 -28.02
CA TRP A 11 -23.63 -21.91 -28.27
C TRP A 11 -25.11 -21.52 -28.20
N THR A 12 -25.86 -21.86 -29.25
CA THR A 12 -27.31 -21.70 -29.27
C THR A 12 -27.92 -22.78 -30.15
N ILE A 13 -28.98 -23.43 -29.65
CA ILE A 13 -29.80 -24.37 -30.40
C ILE A 13 -31.22 -23.86 -30.48
N THR A 14 -31.99 -24.40 -31.43
CA THR A 14 -33.44 -24.26 -31.50
C THR A 14 -34.10 -25.55 -31.02
N LEU A 15 -35.16 -25.41 -30.21
CA LEU A 15 -35.80 -26.56 -29.57
C LEU A 15 -37.33 -26.47 -29.70
N GLU A 16 -37.95 -27.57 -30.20
CA GLU A 16 -39.39 -27.64 -30.45
C GLU A 16 -40.20 -27.93 -29.19
N VAL A 17 -41.10 -27.00 -28.83
CA VAL A 17 -41.83 -27.05 -27.57
C VAL A 17 -43.31 -26.78 -27.79
N SER A 18 -44.07 -26.93 -26.71
CA SER A 18 -45.46 -26.47 -26.67
C SER A 18 -45.64 -25.66 -25.39
N PRO A 19 -46.45 -24.60 -25.42
CA PRO A 19 -46.72 -23.83 -24.19
C PRO A 19 -47.21 -24.65 -23.01
N THR A 20 -47.65 -25.86 -23.29
CA THR A 20 -48.16 -26.75 -22.21
C THR A 20 -47.03 -27.63 -21.67
N ASP A 21 -45.81 -27.47 -22.17
CA ASP A 21 -44.69 -28.30 -21.75
C ASP A 21 -44.20 -27.87 -20.38
N THR A 22 -43.97 -28.86 -19.45
CA THR A 22 -43.36 -28.45 -18.21
C THR A 22 -41.89 -28.09 -18.43
N VAL A 23 -41.29 -27.48 -17.40
CA VAL A 23 -39.91 -27.02 -17.47
C VAL A 23 -38.95 -28.21 -17.48
N GLU A 24 -39.09 -29.23 -16.48
CA GLU A 24 -38.34 -30.47 -16.46
C GLU A 24 -38.50 -31.28 -17.75
N ASN A 25 -39.51 -30.99 -18.56
CA ASN A 25 -39.65 -31.66 -19.84
C ASN A 25 -38.78 -31.01 -20.91
N VAL A 26 -38.80 -29.60 -21.04
CA VAL A 26 -37.86 -28.91 -21.93
C VAL A 26 -36.44 -29.34 -21.60
N LYS A 27 -36.13 -29.45 -20.31
CA LYS A 27 -34.83 -29.95 -19.88
C LYS A 27 -34.59 -31.37 -20.38
N GLN A 28 -35.67 -32.17 -20.55
CA GLN A 28 -35.54 -33.49 -21.15
C GLN A 28 -35.33 -33.40 -22.65
N LYS A 29 -36.10 -32.52 -23.32
CA LYS A 29 -35.93 -32.28 -24.75
C LYS A 29 -34.51 -31.83 -25.09
N ILE A 30 -33.79 -31.26 -24.13
CA ILE A 30 -32.40 -30.87 -24.37
C ILE A 30 -31.47 -32.07 -24.22
N GLN A 31 -31.65 -32.84 -23.14
CA GLN A 31 -30.90 -34.08 -22.98
C GLN A 31 -31.11 -34.99 -24.18
N ASP A 32 -32.35 -35.08 -24.67
CA ASP A 32 -32.66 -35.88 -25.85
C ASP A 32 -31.76 -35.48 -27.02
N LYS A 33 -31.61 -34.18 -27.24
CA LYS A 33 -31.02 -33.69 -28.47
C LYS A 33 -29.52 -33.47 -28.37
N GLU A 34 -29.01 -33.11 -27.19
CA GLU A 34 -27.62 -32.68 -27.02
C GLU A 34 -26.88 -33.44 -25.92
N GLY A 35 -27.59 -34.12 -25.02
CA GLY A 35 -27.02 -35.11 -24.11
C GLY A 35 -26.66 -34.63 -22.72
N PHE A 36 -27.10 -33.43 -22.33
CA PHE A 36 -26.77 -32.88 -21.02
C PHE A 36 -27.72 -33.45 -19.97
N PRO A 37 -27.28 -33.64 -18.73
CA PRO A 37 -28.17 -34.20 -17.69
C PRO A 37 -29.10 -33.17 -17.10
N PRO A 38 -30.41 -33.45 -17.08
CA PRO A 38 -31.39 -32.42 -16.72
C PRO A 38 -31.42 -32.07 -15.24
N ASP A 39 -30.99 -32.96 -14.34
CA ASP A 39 -30.85 -32.57 -12.94
C ASP A 39 -29.74 -31.54 -12.74
N LYS A 40 -28.93 -31.29 -13.76
CA LYS A 40 -27.84 -30.32 -13.74
C LYS A 40 -28.16 -29.06 -14.54
N ILE A 41 -29.10 -29.16 -15.49
CA ILE A 41 -29.51 -28.03 -16.32
C ILE A 41 -30.25 -26.98 -15.50
N ARG A 42 -29.93 -25.71 -15.74
CA ARG A 42 -30.62 -24.55 -15.22
C ARG A 42 -31.13 -23.71 -16.39
N LEU A 43 -32.41 -23.36 -16.36
CA LEU A 43 -33.03 -22.56 -17.41
C LEU A 43 -33.51 -21.22 -16.85
N ILE A 44 -33.37 -20.16 -17.63
CA ILE A 44 -33.65 -18.80 -17.17
C ILE A 44 -34.40 -18.07 -18.28
N TYR A 45 -35.51 -17.43 -17.93
CA TYR A 45 -36.29 -16.62 -18.85
C TYR A 45 -36.72 -15.34 -18.15
N GLY A 46 -36.65 -14.23 -18.88
CA GLY A 46 -36.85 -12.91 -18.29
C GLY A 46 -36.15 -12.71 -16.98
N GLY A 47 -34.99 -13.32 -16.79
CA GLY A 47 -34.22 -13.16 -15.58
C GLY A 47 -34.65 -14.00 -14.40
N LYS A 48 -35.72 -14.80 -14.52
CA LYS A 48 -36.15 -15.70 -13.46
C LYS A 48 -35.69 -17.12 -13.76
N GLN A 49 -35.26 -17.81 -12.70
CA GLN A 49 -34.90 -19.24 -12.84
C GLN A 49 -36.21 -20.02 -12.95
N MET A 50 -36.35 -20.84 -13.99
CA MET A 50 -37.55 -21.60 -14.29
C MET A 50 -37.72 -22.77 -13.31
N GLU A 51 -38.77 -22.69 -12.49
CA GLU A 51 -39.14 -23.78 -11.60
C GLU A 51 -39.56 -25.02 -12.40
N ASP A 52 -38.97 -26.18 -12.06
CA ASP A 52 -39.21 -27.41 -12.82
C ASP A 52 -40.69 -27.73 -12.98
N GLY A 53 -41.45 -27.65 -11.89
CA GLY A 53 -42.87 -27.98 -11.93
C GLY A 53 -43.76 -26.84 -12.34
N ARG A 54 -43.48 -26.26 -13.51
CA ARG A 54 -44.29 -25.22 -14.11
C ARG A 54 -44.14 -25.37 -15.62
N THR A 55 -44.89 -24.56 -16.36
CA THR A 55 -44.95 -24.70 -17.81
C THR A 55 -44.50 -23.41 -18.49
N LEU A 56 -44.17 -23.53 -19.79
CA LEU A 56 -43.75 -22.35 -20.56
C LEU A 56 -44.85 -21.30 -20.58
N ALA A 57 -46.11 -21.73 -20.65
CA ALA A 57 -47.23 -20.80 -20.50
C ALA A 57 -47.10 -20.02 -19.21
N ASP A 58 -46.82 -20.72 -18.10
CA ASP A 58 -46.76 -20.10 -16.78
C ASP A 58 -45.74 -18.98 -16.71
N TYR A 59 -44.67 -19.06 -17.50
CA TYR A 59 -43.63 -18.06 -17.62
C TYR A 59 -43.85 -17.11 -18.78
N ASN A 60 -44.89 -17.36 -19.58
CA ASN A 60 -45.30 -16.52 -20.72
C ASN A 60 -44.28 -16.61 -21.84
N VAL A 61 -43.62 -17.77 -21.92
CA VAL A 61 -42.64 -18.01 -22.97
C VAL A 61 -43.31 -17.86 -24.32
N GLN A 62 -42.78 -16.90 -25.09
CA GLN A 62 -43.33 -16.66 -26.44
C GLN A 62 -42.52 -17.47 -27.46
N LYS A 63 -42.95 -17.44 -28.71
CA LYS A 63 -42.29 -18.18 -29.78
C LYS A 63 -41.21 -17.30 -30.40
N ASP A 64 -40.08 -17.92 -30.75
CA ASP A 64 -38.87 -17.26 -31.23
C ASP A 64 -38.22 -16.38 -30.17
N SER A 65 -38.53 -16.66 -28.90
CA SER A 65 -37.91 -16.02 -27.75
C SER A 65 -36.78 -16.90 -27.23
N THR A 66 -35.83 -16.27 -26.55
CA THR A 66 -34.59 -16.92 -26.12
C THR A 66 -34.66 -17.33 -24.65
N ILE A 67 -34.37 -18.60 -24.39
CA ILE A 67 -34.16 -19.10 -23.03
C ILE A 67 -32.67 -19.27 -22.79
N LEU A 68 -32.22 -18.88 -21.60
CA LEU A 68 -30.81 -18.95 -21.20
C LEU A 68 -30.54 -20.24 -20.45
N ILE A 69 -29.40 -20.86 -20.74
CA ILE A 69 -29.02 -22.10 -20.09
C ILE A 69 -27.64 -21.96 -19.46
N CYS A 70 -27.48 -22.57 -18.29
CA CYS A 70 -26.19 -22.94 -17.74
C CYS A 70 -26.32 -24.32 -17.10
N ILE A 71 -25.20 -24.91 -16.72
CA ILE A 71 -25.16 -26.27 -16.20
C ILE A 71 -24.47 -26.28 -14.84
N ARG A 72 -25.14 -26.86 -13.84
CA ARG A 72 -24.62 -26.90 -12.48
C ARG A 72 -23.24 -27.56 -12.42
N ASP A 73 -22.30 -26.86 -11.77
CA ASP A 73 -20.92 -27.27 -11.53
C ASP A 73 -20.10 -27.23 -12.81
N VAL A 74 -20.61 -26.55 -13.83
CA VAL A 74 -19.84 -26.22 -15.01
C VAL A 74 -19.72 -24.70 -15.10
N ASP A 75 -20.82 -24.02 -15.42
CA ASP A 75 -20.80 -22.57 -15.50
C ASP A 75 -21.76 -21.89 -14.54
N CYS A 76 -22.51 -22.65 -13.73
CA CYS A 76 -23.29 -22.05 -12.64
C CYS A 76 -23.51 -22.98 -11.45
N MET B 1 -17.48 8.14 -18.75
CA MET B 1 -16.51 7.34 -18.01
C MET B 1 -16.92 5.89 -17.85
N GLU B 2 -16.09 5.01 -18.40
CA GLU B 2 -16.28 3.56 -18.26
C GLU B 2 -15.69 3.01 -16.98
N VAL B 3 -14.87 3.79 -16.28
CA VAL B 3 -14.29 3.38 -15.01
C VAL B 3 -15.33 3.52 -13.90
N VAL B 4 -15.57 2.43 -13.18
CA VAL B 4 -16.45 2.40 -12.02
C VAL B 4 -15.68 2.63 -10.71
N TRP B 5 -14.49 2.02 -10.58
CA TRP B 5 -13.83 1.85 -9.28
C TRP B 5 -12.34 1.60 -9.54
N VAL B 6 -11.47 2.36 -8.88
CA VAL B 6 -10.03 2.17 -8.95
C VAL B 6 -9.53 1.63 -7.60
N ILE B 7 -8.72 0.57 -7.66
CA ILE B 7 -8.00 0.01 -6.51
C ILE B 7 -6.52 0.00 -6.90
N GLY B 8 -5.70 0.73 -6.15
CA GLY B 8 -4.31 0.89 -6.58
C GLY B 8 -4.24 1.46 -8.00
N ASP B 9 -3.64 0.69 -8.91
CA ASP B 9 -3.54 1.13 -10.33
C ASP B 9 -4.38 0.19 -11.21
N GLU B 10 -5.41 -0.44 -10.63
CA GLU B 10 -6.28 -1.36 -11.35
C GLU B 10 -7.69 -0.78 -11.42
N ALA B 11 -8.25 -0.73 -12.63
CA ALA B 11 -9.59 -0.20 -12.82
C ALA B 11 -10.62 -1.32 -12.98
N ILE B 12 -11.79 -1.13 -12.38
CA ILE B 12 -12.97 -1.95 -12.64
C ILE B 12 -13.88 -1.18 -13.60
N LEU B 13 -14.16 -1.77 -14.75
CA LEU B 13 -14.92 -1.10 -15.80
C LEU B 13 -16.39 -1.51 -15.74
N LYS B 14 -17.23 -0.68 -16.39
CA LYS B 14 -18.66 -1.00 -16.48
C LYS B 14 -18.88 -2.36 -17.14
N SER B 15 -18.03 -2.73 -18.10
CA SER B 15 -18.15 -4.06 -18.72
C SER B 15 -17.86 -5.17 -17.71
N ASP B 16 -16.93 -4.93 -16.76
CA ASP B 16 -16.66 -5.90 -15.70
C ASP B 16 -17.88 -6.05 -14.82
N VAL B 17 -18.52 -4.92 -14.48
CA VAL B 17 -19.73 -4.96 -13.68
C VAL B 17 -20.81 -5.75 -14.41
N GLU B 18 -21.01 -5.48 -15.71
CA GLU B 18 -22.02 -6.20 -16.47
C GLU B 18 -21.77 -7.70 -16.47
N GLU B 19 -20.51 -8.12 -16.67
CA GLU B 19 -20.21 -9.55 -16.68
C GLU B 19 -20.53 -10.20 -15.34
N ALA B 20 -20.21 -9.50 -14.25
CA ALA B 20 -20.45 -10.06 -12.92
C ALA B 20 -21.95 -10.12 -12.62
N ARG B 21 -22.73 -9.17 -13.17
CA ARG B 21 -24.18 -9.18 -12.96
C ARG B 21 -24.82 -10.31 -13.75
N LEU B 22 -24.36 -10.55 -14.96
CA LEU B 22 -24.84 -11.68 -15.73
C LEU B 22 -24.48 -13.00 -15.04
N ALA B 23 -23.25 -13.13 -14.53
CA ALA B 23 -22.89 -14.32 -13.77
C ALA B 23 -23.85 -14.52 -12.60
N ALA B 24 -24.15 -13.45 -11.86
CA ALA B 24 -25.12 -13.54 -10.76
C ALA B 24 -26.49 -13.96 -11.30
N LEU B 25 -26.87 -13.46 -12.48
CA LEU B 25 -28.15 -13.83 -13.10
C LEU B 25 -28.23 -15.35 -13.34
N TYR B 26 -27.27 -15.91 -14.10
CA TYR B 26 -27.25 -17.34 -14.39
C TYR B 26 -27.17 -18.19 -13.12
N GLU B 27 -26.47 -17.71 -12.09
CA GLU B 27 -26.43 -18.41 -10.82
C GLU B 27 -27.71 -18.25 -10.01
N GLY B 28 -28.64 -17.42 -10.48
CA GLY B 28 -29.87 -17.11 -9.77
C GLY B 28 -29.71 -16.52 -8.39
N ARG B 29 -28.70 -15.67 -8.21
CA ARG B 29 -28.48 -15.00 -6.93
C ARG B 29 -29.62 -14.05 -6.60
N LYS B 30 -30.01 -14.01 -5.33
CA LYS B 30 -30.99 -13.05 -4.84
C LYS B 30 -30.30 -12.05 -3.92
N PHE B 31 -30.60 -10.76 -4.11
CA PHE B 31 -29.87 -9.66 -3.50
C PHE B 31 -30.77 -9.00 -2.44
N ASP B 32 -30.31 -8.93 -1.18
CA ASP B 32 -31.01 -8.10 -0.20
C ASP B 32 -30.74 -6.62 -0.42
N GLY B 33 -29.56 -6.25 -0.90
CA GLY B 33 -29.26 -4.87 -1.18
C GLY B 33 -29.37 -4.58 -2.67
N ASP B 34 -28.88 -3.41 -3.05
CA ASP B 34 -28.96 -2.99 -4.46
C ASP B 34 -27.81 -3.60 -5.25
N PRO B 35 -28.08 -4.48 -6.23
CA PRO B 35 -26.98 -5.09 -7.01
C PRO B 35 -26.15 -4.09 -7.78
N TYR B 36 -26.72 -2.95 -8.17
CA TYR B 36 -25.96 -1.85 -8.76
C TYR B 36 -24.77 -1.45 -7.90
N CYS B 37 -24.94 -1.49 -6.56
CA CYS B 37 -23.88 -1.15 -5.61
C CYS B 37 -23.12 -2.39 -5.15
N VAL B 38 -23.83 -3.49 -4.89
CA VAL B 38 -23.21 -4.62 -4.21
C VAL B 38 -22.13 -5.24 -5.08
N ILE B 39 -22.37 -5.34 -6.39
CA ILE B 39 -21.46 -6.07 -7.28
C ILE B 39 -20.17 -5.28 -7.47
N PRO B 40 -20.19 -3.98 -7.82
CA PRO B 40 -18.90 -3.29 -7.97
C PRO B 40 -18.07 -3.36 -6.71
N GLU B 41 -18.71 -3.29 -5.53
CA GLU B 41 -17.99 -3.36 -4.27
C GLU B 41 -17.34 -4.73 -4.12
N GLU B 42 -18.05 -5.79 -4.47
CA GLU B 42 -17.47 -7.12 -4.43
C GLU B 42 -16.28 -7.23 -5.38
N LEU B 43 -16.36 -6.60 -6.55
CA LEU B 43 -15.23 -6.60 -7.48
C LEU B 43 -14.03 -5.84 -6.90
N ALA B 44 -14.30 -4.78 -6.12
CA ALA B 44 -13.23 -4.00 -5.52
C ALA B 44 -12.59 -4.77 -4.38
N VAL B 45 -13.41 -5.44 -3.56
CA VAL B 45 -12.89 -6.27 -2.48
C VAL B 45 -11.94 -7.33 -3.03
N GLN B 46 -12.31 -7.98 -4.14
CA GLN B 46 -11.41 -8.94 -4.78
C GLN B 46 -10.07 -8.30 -5.12
N LYS B 47 -10.09 -7.09 -5.69
CA LYS B 47 -8.83 -6.39 -6.01
C LYS B 47 -8.01 -6.08 -4.76
N LEU B 48 -8.67 -5.76 -3.64
CA LEU B 48 -7.94 -5.59 -2.39
C LEU B 48 -7.18 -6.86 -2.01
N TYR B 49 -7.86 -8.02 -2.08
CA TYR B 49 -7.16 -9.27 -1.75
C TYR B 49 -5.96 -9.52 -2.66
N MET B 50 -6.14 -9.33 -3.97
CA MET B 50 -5.04 -9.56 -4.89
C MET B 50 -3.90 -8.57 -4.62
N HIS B 51 -4.26 -7.33 -4.32
CA HIS B 51 -3.29 -6.28 -4.01
C HIS B 51 -2.44 -6.64 -2.80
N GLN B 52 -3.09 -7.04 -1.70
CA GLN B 52 -2.34 -7.52 -0.53
C GLN B 52 -1.48 -8.73 -0.89
N ALA B 53 -1.96 -9.59 -1.80
CA ALA B 53 -1.18 -10.78 -2.13
C ALA B 53 0.11 -10.42 -2.85
N VAL B 54 0.07 -9.37 -3.68
CA VAL B 54 1.29 -8.85 -4.28
C VAL B 54 2.25 -8.36 -3.19
N LEU B 55 1.75 -7.57 -2.24
CA LEU B 55 2.60 -7.02 -1.18
C LEU B 55 3.22 -8.14 -0.33
N ASP B 56 2.51 -9.25 -0.14
CA ASP B 56 2.95 -10.32 0.75
C ASP B 56 3.61 -11.46 -0.03
N SER B 57 3.86 -11.27 -1.32
CA SER B 57 4.49 -12.29 -2.17
C SER B 57 3.76 -13.62 -2.06
N ILE B 58 2.44 -13.59 -1.97
CA ILE B 58 1.69 -14.84 -1.97
C ILE B 58 1.56 -15.34 -3.41
N GLU B 59 2.16 -16.49 -3.66
CA GLU B 59 2.23 -17.07 -5.00
C GLU B 59 1.71 -18.50 -4.94
N VAL B 60 1.19 -18.95 -6.06
CA VAL B 60 0.63 -20.30 -6.23
C VAL B 60 1.47 -21.03 -7.27
N PRO B 61 2.07 -22.17 -6.94
CA PRO B 61 2.89 -22.86 -7.93
C PRO B 61 2.05 -23.28 -9.12
N GLU B 62 2.58 -23.06 -10.32
CA GLU B 62 1.85 -23.40 -11.54
C GLU B 62 1.32 -24.82 -11.49
N ALA B 63 2.09 -25.73 -10.89
CA ALA B 63 1.64 -27.12 -10.75
C ALA B 63 0.24 -27.18 -10.16
N GLU B 64 0.01 -26.49 -9.03
CA GLU B 64 -1.27 -26.58 -8.32
C GLU B 64 -2.41 -26.02 -9.17
N VAL B 65 -2.11 -25.01 -10.00
CA VAL B 65 -3.11 -24.39 -10.87
C VAL B 65 -3.57 -25.38 -11.93
N ILE B 66 -2.61 -26.06 -12.56
CA ILE B 66 -2.91 -27.02 -13.63
C ILE B 66 -3.68 -28.21 -13.08
N GLN B 67 -3.33 -28.63 -11.86
CA GLN B 67 -4.08 -29.70 -11.19
C GLN B 67 -5.53 -29.30 -10.94
N ARG B 68 -5.78 -28.06 -10.50
CA ARG B 68 -7.16 -27.64 -10.27
C ARG B 68 -7.91 -27.58 -11.61
N VAL B 69 -7.29 -26.99 -12.64
CA VAL B 69 -7.88 -26.93 -13.97
C VAL B 69 -8.25 -28.32 -14.46
N ASP B 70 -7.29 -29.26 -14.43
CA ASP B 70 -7.58 -30.62 -14.88
C ASP B 70 -8.72 -31.25 -14.08
N TYR B 71 -8.72 -31.01 -12.77
CA TYR B 71 -9.81 -31.52 -11.93
C TYR B 71 -11.17 -30.97 -12.41
N GLN B 72 -11.25 -29.65 -12.64
CA GLN B 72 -12.49 -29.04 -13.11
C GLN B 72 -12.92 -29.59 -14.47
N ILE B 73 -11.98 -29.64 -15.41
CA ILE B 73 -12.29 -30.16 -16.78
C ILE B 73 -12.92 -31.54 -16.65
N ASN B 74 -12.33 -32.41 -15.83
CA ASN B 74 -12.84 -33.77 -15.65
C ASN B 74 -14.24 -33.75 -15.04
N ASN B 75 -14.47 -32.92 -14.02
CA ASN B 75 -15.82 -32.73 -13.54
C ASN B 75 -16.73 -32.22 -14.66
N TYR B 76 -16.25 -31.28 -15.48
CA TYR B 76 -17.04 -30.75 -16.59
C TYR B 76 -17.45 -31.85 -17.55
N ILE B 77 -16.51 -32.76 -17.88
CA ILE B 77 -16.82 -33.84 -18.82
C ILE B 77 -17.84 -34.78 -18.22
N GLN B 78 -17.74 -35.06 -16.92
CA GLN B 78 -18.75 -35.85 -16.20
C GLN B 78 -20.13 -35.21 -16.32
N ALA B 79 -20.19 -33.90 -16.07
CA ALA B 79 -21.47 -33.20 -16.14
C ALA B 79 -21.99 -33.19 -17.57
N MET B 80 -21.12 -33.04 -18.56
CA MET B 80 -21.57 -32.87 -19.93
C MET B 80 -21.73 -34.20 -20.66
N GLY B 81 -21.29 -35.29 -20.04
CA GLY B 81 -21.24 -36.59 -20.66
C GLY B 81 -19.94 -36.88 -21.37
N THR B 82 -19.61 -36.11 -22.40
CA THR B 82 -18.42 -36.35 -23.20
C THR B 82 -17.61 -35.08 -23.36
N ARG B 83 -16.30 -35.28 -23.60
CA ARG B 83 -15.41 -34.19 -24.00
C ARG B 83 -15.96 -33.42 -25.19
N GLU B 84 -16.53 -34.12 -26.16
CA GLU B 84 -16.95 -33.49 -27.41
C GLU B 84 -18.09 -32.51 -27.19
N LYS B 85 -19.03 -32.83 -26.29
CA LYS B 85 -20.07 -31.89 -25.90
C LYS B 85 -19.47 -30.66 -25.20
N LEU B 86 -18.63 -30.89 -24.17
CA LEU B 86 -17.98 -29.80 -23.44
C LEU B 86 -17.38 -28.79 -24.40
N GLU B 87 -16.64 -29.30 -25.39
CA GLU B 87 -16.04 -28.47 -26.42
C GLU B 87 -17.09 -27.69 -27.20
N GLU B 88 -18.24 -28.32 -27.51
CA GLU B 88 -19.29 -27.62 -28.26
C GLU B 88 -19.92 -26.52 -27.42
N TYR B 89 -20.15 -26.81 -26.13
CA TYR B 89 -20.84 -25.89 -25.23
C TYR B 89 -20.04 -24.62 -25.00
N PHE B 90 -18.75 -24.76 -24.71
CA PHE B 90 -17.88 -23.59 -24.61
C PHE B 90 -17.47 -23.09 -25.99
N ASN B 91 -17.69 -23.93 -27.02
CA ASN B 91 -17.34 -23.61 -28.40
C ASN B 91 -15.82 -23.37 -28.54
N LYS B 92 -15.05 -24.34 -28.06
CA LYS B 92 -13.60 -24.25 -27.91
C LYS B 92 -13.08 -25.67 -27.76
N THR B 93 -11.81 -25.88 -28.13
CA THR B 93 -11.17 -27.17 -27.88
C THR B 93 -10.85 -27.32 -26.41
N SER B 94 -10.69 -28.56 -25.97
CA SER B 94 -10.28 -28.83 -24.59
C SER B 94 -9.02 -28.06 -24.20
N THR B 95 -8.11 -27.83 -25.15
CA THR B 95 -6.88 -27.13 -24.77
C THR B 95 -7.12 -25.63 -24.69
N GLN B 96 -7.98 -25.07 -25.56
CA GLN B 96 -8.37 -23.67 -25.42
C GLN B 96 -9.07 -23.43 -24.09
N ILE B 97 -9.92 -24.38 -23.67
CA ILE B 97 -10.64 -24.24 -22.41
C ILE B 97 -9.65 -24.25 -21.24
N ARG B 98 -8.67 -25.18 -21.27
CA ARG B 98 -7.65 -25.26 -20.22
C ARG B 98 -6.92 -23.93 -20.06
N GLU B 99 -6.54 -23.31 -21.18
CA GLU B 99 -5.89 -22.00 -21.17
C GLU B 99 -6.77 -20.95 -20.50
N ALA B 100 -8.03 -20.83 -20.93
CA ALA B 100 -8.92 -19.83 -20.38
C ALA B 100 -9.10 -20.04 -18.88
N MET B 101 -9.22 -21.29 -18.46
CA MET B 101 -9.54 -21.59 -17.07
C MET B 101 -8.38 -21.33 -16.12
N ARG B 102 -7.14 -21.24 -16.62
CA ARG B 102 -6.02 -21.19 -15.68
C ARG B 102 -5.95 -19.86 -14.93
N GLU B 103 -6.16 -18.73 -15.62
CA GLU B 103 -6.21 -17.43 -14.95
C GLU B 103 -7.15 -17.46 -13.74
N ASN B 104 -8.42 -17.84 -13.97
CA ASN B 104 -9.42 -17.84 -12.90
C ASN B 104 -9.03 -18.80 -11.78
N ALA B 105 -8.43 -19.93 -12.12
CA ALA B 105 -8.06 -20.89 -11.08
C ALA B 105 -6.92 -20.34 -10.23
N ARG B 106 -5.93 -19.71 -10.86
CA ARG B 106 -4.81 -19.12 -10.14
C ARG B 106 -5.31 -18.06 -9.16
N ASP B 107 -6.06 -17.07 -9.69
CA ASP B 107 -6.58 -15.97 -8.88
C ASP B 107 -7.42 -16.49 -7.71
N GLY B 108 -8.34 -17.43 -7.98
CA GLY B 108 -9.08 -18.08 -6.91
C GLY B 108 -8.18 -18.64 -5.82
N LEU B 109 -7.11 -19.34 -6.21
CA LEU B 109 -6.18 -19.93 -5.25
C LEU B 109 -5.34 -18.86 -4.54
N ILE B 110 -5.02 -17.76 -5.23
CA ILE B 110 -4.32 -16.66 -4.57
C ILE B 110 -5.18 -16.06 -3.48
N VAL B 111 -6.44 -15.74 -3.80
CA VAL B 111 -7.32 -15.12 -2.82
C VAL B 111 -7.49 -16.03 -1.62
N GLN B 112 -7.66 -17.34 -1.87
CA GLN B 112 -7.83 -18.28 -0.78
C GLN B 112 -6.60 -18.31 0.12
N ARG B 113 -5.39 -18.35 -0.46
CA ARG B 113 -4.18 -18.28 0.36
C ARG B 113 -4.09 -16.96 1.12
N MET B 114 -4.39 -15.83 0.45
CA MET B 114 -4.40 -14.56 1.16
C MET B 114 -5.35 -14.58 2.35
N GLN B 115 -6.56 -15.13 2.15
CA GLN B 115 -7.55 -15.14 3.24
C GLN B 115 -7.13 -16.06 4.39
N GLN B 116 -6.55 -17.23 4.08
CA GLN B 116 -6.10 -18.14 5.13
C GLN B 116 -5.03 -17.48 5.99
N LYS B 117 -4.11 -16.76 5.35
CA LYS B 117 -3.09 -16.01 6.07
C LYS B 117 -3.73 -15.00 7.00
N LEU B 118 -4.70 -14.25 6.48
CA LEU B 118 -5.30 -13.18 7.27
C LEU B 118 -6.11 -13.72 8.45
N VAL B 119 -6.85 -14.81 8.23
CA VAL B 119 -7.79 -15.29 9.29
C VAL B 119 -7.64 -16.79 9.54
N GLY B 120 -6.41 -17.31 9.50
CA GLY B 120 -6.20 -18.71 9.82
C GLY B 120 -5.99 -19.05 11.27
N ASP B 121 -5.77 -18.08 12.14
CA ASP B 121 -5.49 -18.38 13.54
C ASP B 121 -6.74 -18.27 14.40
N ILE B 122 -7.90 -18.08 13.76
CA ILE B 122 -9.18 -18.01 14.46
C ILE B 122 -9.57 -19.41 14.95
N LYS B 123 -9.88 -19.52 16.24
CA LYS B 123 -10.29 -20.77 16.85
C LYS B 123 -11.65 -20.55 17.52
N VAL B 124 -12.42 -21.63 17.68
CA VAL B 124 -13.65 -21.58 18.47
C VAL B 124 -13.67 -22.71 19.49
N THR B 125 -14.31 -22.42 20.73
CA THR B 125 -14.46 -23.44 21.76
C THR B 125 -15.83 -24.09 21.68
N PRO B 126 -15.95 -25.35 22.14
CA PRO B 126 -17.29 -25.95 22.28
C PRO B 126 -18.30 -25.04 22.95
N ALA B 127 -17.92 -24.38 24.05
CA ALA B 127 -18.84 -23.48 24.72
C ALA B 127 -19.33 -22.40 23.77
N GLU B 128 -18.43 -21.86 22.93
CA GLU B 128 -18.80 -20.84 21.96
C GLU B 128 -19.77 -21.38 20.91
N VAL B 129 -19.55 -22.63 20.46
CA VAL B 129 -20.44 -23.24 19.48
C VAL B 129 -21.84 -23.39 20.06
N ARG B 130 -21.93 -23.97 21.26
CA ARG B 130 -23.21 -24.13 21.95
C ARG B 130 -23.94 -22.79 22.06
N ARG B 131 -23.21 -21.74 22.42
CA ARG B 131 -23.81 -20.42 22.60
C ARG B 131 -24.40 -19.92 21.29
N TYR B 132 -23.62 -19.98 20.21
CA TYR B 132 -24.07 -19.51 18.91
C TYR B 132 -25.43 -20.12 18.58
N PHE B 133 -25.60 -21.40 18.83
CA PHE B 133 -26.83 -22.08 18.45
C PHE B 133 -27.93 -21.90 19.49
N LYS B 134 -27.60 -21.99 20.78
CA LYS B 134 -28.63 -21.73 21.80
C LYS B 134 -29.33 -20.40 21.49
N GLU B 135 -28.57 -19.42 21.01
CA GLU B 135 -29.02 -18.05 20.75
C GLU B 135 -29.57 -17.89 19.32
N LEU B 136 -30.55 -18.72 18.95
CA LEU B 136 -31.19 -18.55 17.61
C LEU B 136 -32.55 -19.25 17.60
N PRO B 137 -33.44 -19.03 16.60
CA PRO B 137 -34.80 -19.58 16.63
C PRO B 137 -34.86 -21.10 16.45
N GLN B 138 -36.09 -21.63 16.52
CA GLN B 138 -36.28 -23.09 16.37
C GLN B 138 -36.08 -23.48 14.91
N ASP B 139 -36.67 -22.74 13.96
CA ASP B 139 -36.60 -23.19 12.58
C ASP B 139 -35.22 -23.00 11.95
N SER B 140 -34.24 -22.50 12.71
CA SER B 140 -32.92 -22.17 12.18
C SER B 140 -31.85 -23.15 12.68
N ILE B 141 -32.26 -24.34 13.09
CA ILE B 141 -31.30 -25.40 13.41
C ILE B 141 -30.79 -26.00 12.10
N PRO B 142 -29.48 -26.17 11.91
CA PRO B 142 -28.99 -26.75 10.65
C PRO B 142 -29.31 -28.24 10.55
N TYR B 143 -29.85 -28.62 9.38
CA TYR B 143 -30.07 -30.02 9.01
C TYR B 143 -28.79 -30.64 8.48
N VAL B 144 -28.42 -31.80 9.00
CA VAL B 144 -27.29 -32.57 8.49
C VAL B 144 -27.85 -33.59 7.46
N PRO B 145 -27.51 -33.46 6.18
CA PRO B 145 -28.05 -34.42 5.20
C PRO B 145 -27.45 -35.80 5.41
N THR B 146 -28.12 -36.81 4.86
CA THR B 146 -27.57 -38.16 4.82
C THR B 146 -26.12 -38.13 4.35
N GLN B 147 -25.28 -38.84 5.09
CA GLN B 147 -23.84 -38.89 4.77
C GLN B 147 -23.38 -40.35 4.82
N VAL B 148 -22.58 -40.75 3.84
CA VAL B 148 -22.09 -42.11 3.75
C VAL B 148 -20.58 -42.08 3.86
N GLU B 149 -20.02 -43.16 4.40
CA GLU B 149 -18.61 -43.51 4.24
C GLU B 149 -18.49 -44.66 3.23
N VAL B 150 -17.48 -44.59 2.36
CA VAL B 150 -17.34 -45.51 1.23
C VAL B 150 -15.88 -45.95 1.12
N GLN B 151 -15.66 -47.26 1.02
CA GLN B 151 -14.37 -47.83 0.69
C GLN B 151 -14.36 -48.32 -0.76
N ILE B 152 -13.22 -48.19 -1.42
CA ILE B 152 -13.12 -48.46 -2.85
C ILE B 152 -11.91 -49.34 -3.11
N ILE B 153 -12.03 -50.22 -4.11
CA ILE B 153 -10.88 -50.93 -4.70
C ILE B 153 -10.93 -50.67 -6.20
N THR B 154 -9.80 -50.23 -6.78
CA THR B 154 -9.78 -49.87 -8.20
C THR B 154 -8.73 -50.69 -8.92
N GLN B 155 -8.99 -50.97 -10.19
CA GLN B 155 -7.98 -51.56 -11.06
C GLN B 155 -8.10 -50.99 -12.47
N GLN B 156 -6.96 -50.62 -13.02
CA GLN B 156 -6.86 -50.20 -14.40
C GLN B 156 -7.12 -51.41 -15.30
N PRO B 157 -7.81 -51.25 -16.42
CA PRO B 157 -7.89 -52.35 -17.39
C PRO B 157 -6.50 -52.64 -17.94
N LYS B 158 -6.27 -53.91 -18.28
CA LYS B 158 -5.01 -54.36 -18.87
C LYS B 158 -5.02 -54.14 -20.38
N ILE B 159 -3.94 -53.54 -20.91
CA ILE B 159 -3.75 -53.37 -22.35
C ILE B 159 -3.17 -54.64 -22.94
N PRO B 160 -3.79 -55.27 -23.94
CA PRO B 160 -3.20 -56.49 -24.52
C PRO B 160 -1.82 -56.20 -25.13
N VAL B 161 -0.93 -57.20 -25.03
CA VAL B 161 0.45 -57.05 -25.52
C VAL B 161 0.47 -56.65 -26.99
N ALA B 162 -0.40 -57.26 -27.80
CA ALA B 162 -0.41 -56.97 -29.23
C ALA B 162 -0.70 -55.50 -29.52
N GLU B 163 -1.48 -54.84 -28.66
CA GLU B 163 -1.81 -53.43 -28.85
C GLU B 163 -0.63 -52.55 -28.47
N ILE B 164 0.05 -52.85 -27.36
CA ILE B 164 1.27 -52.11 -27.00
C ILE B 164 2.30 -52.26 -28.10
N GLU B 165 2.39 -53.47 -28.65
CA GLU B 165 3.38 -53.75 -29.72
C GLU B 165 3.03 -52.93 -30.96
N ASP B 166 1.73 -52.81 -31.26
CA ASP B 166 1.32 -52.07 -32.45
C ASP B 166 1.70 -50.60 -32.32
N VAL B 167 1.57 -50.04 -31.11
CA VAL B 167 1.97 -48.66 -30.87
C VAL B 167 3.47 -48.50 -31.08
N LYS B 168 4.26 -49.38 -30.47
CA LYS B 168 5.72 -49.33 -30.58
C LYS B 168 6.16 -49.50 -32.03
N ARG B 169 5.52 -50.41 -32.78
CA ARG B 169 5.78 -50.58 -34.21
C ARG B 169 5.65 -49.26 -34.97
N ARG B 170 4.52 -48.57 -34.78
CA ARG B 170 4.30 -47.32 -35.50
C ARG B 170 5.34 -46.27 -35.14
N LEU B 171 5.70 -46.18 -33.85
CA LEU B 171 6.67 -45.18 -33.43
C LEU B 171 8.05 -45.47 -34.00
N ARG B 172 8.44 -46.76 -34.11
CA ARG B 172 9.71 -47.06 -34.78
C ARG B 172 9.64 -46.75 -36.29
N GLU B 173 8.46 -46.96 -36.92
CA GLU B 173 8.29 -46.63 -38.33
C GLU B 173 8.32 -45.11 -38.55
N TYR B 174 7.59 -44.35 -37.73
CA TYR B 174 7.72 -42.88 -37.81
C TYR B 174 9.18 -42.47 -37.61
N THR B 175 9.84 -43.04 -36.59
CA THR B 175 11.25 -42.73 -36.35
C THR B 175 12.09 -43.02 -37.59
N ASP B 176 11.89 -44.20 -38.18
CA ASP B 176 12.68 -44.60 -39.34
C ASP B 176 12.46 -43.64 -40.50
N ARG B 177 11.20 -43.35 -40.85
CA ARG B 177 10.95 -42.51 -42.01
C ARG B 177 11.48 -41.11 -41.81
N ILE B 178 11.38 -40.55 -40.59
CA ILE B 178 11.91 -39.20 -40.38
C ILE B 178 13.42 -39.20 -40.51
N ASN B 179 14.09 -40.22 -39.93
CA ASN B 179 15.55 -40.30 -40.02
C ASN B 179 16.00 -40.38 -41.46
N LYS B 180 15.25 -41.08 -42.31
CA LYS B 180 15.64 -41.36 -43.68
C LYS B 180 15.17 -40.27 -44.64
N GLY B 181 14.58 -39.17 -44.15
CA GLY B 181 14.14 -38.06 -44.99
C GLY B 181 12.85 -38.30 -45.75
N GLU B 182 12.13 -39.39 -45.46
CA GLU B 182 10.89 -39.79 -46.13
C GLU B 182 9.64 -39.08 -45.60
N SER B 183 9.71 -38.63 -44.34
CA SER B 183 8.58 -37.91 -43.71
C SER B 183 9.17 -36.92 -42.69
N ASP B 184 8.49 -35.80 -42.44
CA ASP B 184 9.05 -34.81 -41.54
C ASP B 184 8.26 -35.03 -40.24
N PHE B 185 8.90 -34.61 -39.14
CA PHE B 185 8.33 -34.84 -37.83
C PHE B 185 6.98 -34.17 -37.69
N SER B 186 6.85 -32.92 -38.17
CA SER B 186 5.61 -32.16 -37.98
C SER B 186 4.44 -32.80 -38.71
N THR B 187 4.66 -33.32 -39.93
CA THR B 187 3.59 -33.95 -40.69
C THR B 187 3.10 -35.22 -39.99
N LEU B 188 4.02 -36.05 -39.51
CA LEU B 188 3.59 -37.25 -38.81
C LEU B 188 2.88 -36.90 -37.50
N ALA B 189 3.28 -35.84 -36.82
CA ALA B 189 2.57 -35.44 -35.61
C ALA B 189 1.17 -34.92 -35.92
N LEU B 190 1.04 -34.05 -36.95
CA LEU B 190 -0.26 -33.60 -37.42
C LEU B 190 -1.16 -34.78 -37.77
N LEU B 191 -0.64 -35.75 -38.51
CA LEU B 191 -1.46 -36.89 -38.91
C LEU B 191 -1.81 -37.78 -37.73
N TYR B 192 -0.85 -38.07 -36.84
CA TYR B 192 -0.98 -39.23 -35.97
C TYR B 192 -0.88 -38.96 -34.47
N SER B 193 -0.23 -37.87 -34.03
CA SER B 193 -0.12 -37.64 -32.60
C SER B 193 -1.49 -37.50 -31.96
N GLU B 194 -1.67 -38.11 -30.78
CA GLU B 194 -2.93 -38.03 -30.06
C GLU B 194 -2.89 -37.02 -28.92
N ASP B 195 -1.78 -36.31 -28.73
CA ASP B 195 -1.77 -35.09 -27.93
C ASP B 195 -2.31 -33.95 -28.80
N ARG B 196 -3.64 -33.76 -28.73
CA ARG B 196 -4.34 -32.82 -29.62
C ARG B 196 -3.72 -31.42 -29.60
N GLY B 197 -3.40 -30.92 -28.41
CA GLY B 197 -2.91 -29.56 -28.27
C GLY B 197 -1.57 -29.31 -28.94
N SER B 198 -0.67 -30.30 -28.92
CA SER B 198 0.61 -30.10 -29.58
C SER B 198 0.58 -30.57 -31.03
N ALA B 199 -0.28 -31.56 -31.36
CA ALA B 199 -0.33 -32.12 -32.70
C ALA B 199 -0.59 -31.03 -33.74
N ILE B 200 -1.53 -30.12 -33.46
CA ILE B 200 -1.92 -29.10 -34.44
C ILE B 200 -0.79 -28.11 -34.66
N LYS B 201 0.20 -28.11 -33.76
CA LYS B 201 1.39 -27.29 -33.90
C LYS B 201 2.56 -28.14 -34.39
N GLY B 202 2.27 -29.15 -35.21
CA GLY B 202 3.26 -30.14 -35.64
C GLY B 202 4.04 -30.81 -34.53
N GLY B 203 3.39 -31.03 -33.37
CA GLY B 203 4.01 -31.70 -32.24
C GLY B 203 4.66 -30.78 -31.22
N GLU B 204 4.77 -29.48 -31.49
CA GLU B 204 5.53 -28.57 -30.64
C GLU B 204 4.83 -28.29 -29.30
N THR B 205 5.53 -28.55 -28.20
CA THR B 205 5.02 -28.34 -26.86
C THR B 205 5.05 -26.88 -26.41
N GLY B 206 5.95 -26.07 -26.99
CA GLY B 206 6.32 -24.78 -26.43
C GLY B 206 7.26 -24.93 -25.24
N PHE B 207 7.84 -23.83 -24.76
CA PHE B 207 8.89 -23.94 -23.75
C PHE B 207 8.31 -24.40 -22.42
N MET B 208 9.11 -25.16 -21.66
CA MET B 208 8.64 -25.88 -20.48
C MET B 208 9.82 -26.16 -19.58
N GLY B 209 9.66 -25.89 -18.27
CA GLY B 209 10.67 -26.27 -17.29
C GLY B 209 10.55 -27.73 -16.88
N LYS B 210 11.66 -28.29 -16.38
CA LYS B 210 11.73 -29.73 -16.12
C LYS B 210 10.61 -30.23 -15.22
N GLY B 211 10.22 -29.42 -14.23
CA GLY B 211 9.20 -29.84 -13.28
C GLY B 211 7.79 -29.74 -13.80
N GLN B 212 7.63 -29.14 -14.97
CA GLN B 212 6.36 -28.89 -15.62
C GLN B 212 6.01 -30.00 -16.62
N MET B 213 6.91 -30.96 -16.79
CA MET B 213 6.77 -32.13 -17.65
C MET B 213 6.65 -33.35 -16.76
N VAL B 214 5.86 -34.34 -17.18
CA VAL B 214 5.87 -35.62 -16.48
C VAL B 214 7.30 -36.15 -16.46
N PRO B 215 7.71 -36.90 -15.43
CA PRO B 215 9.15 -37.13 -15.25
C PRO B 215 9.77 -37.99 -16.33
N GLU B 216 9.06 -39.00 -16.84
CA GLU B 216 9.62 -39.88 -17.87
C GLU B 216 9.99 -39.08 -19.11
N TYR B 217 9.18 -38.06 -19.43
CA TYR B 217 9.42 -37.20 -20.59
C TYR B 217 10.57 -36.25 -20.32
N ALA B 218 10.58 -35.63 -19.12
CA ALA B 218 11.64 -34.70 -18.73
C ALA B 218 13.01 -35.39 -18.81
N ASN B 219 13.15 -36.54 -18.15
CA ASN B 219 14.36 -37.35 -18.25
C ASN B 219 14.87 -37.42 -19.68
N VAL B 220 14.02 -37.89 -20.59
CA VAL B 220 14.48 -38.14 -21.94
C VAL B 220 14.75 -36.83 -22.69
N ALA B 221 13.89 -35.83 -22.49
CA ALA B 221 13.98 -34.60 -23.28
C ALA B 221 15.23 -33.78 -22.96
N PHE B 222 15.67 -33.75 -21.70
CA PHE B 222 16.82 -32.92 -21.36
C PHE B 222 18.13 -33.60 -21.70
N ASN B 223 18.10 -34.88 -22.10
CA ASN B 223 19.27 -35.62 -22.52
C ASN B 223 19.51 -35.49 -24.02
N LEU B 224 18.58 -34.87 -24.73
CA LEU B 224 18.71 -34.71 -26.17
C LEU B 224 19.76 -33.65 -26.50
N GLN B 225 20.72 -34.00 -27.36
CA GLN B 225 21.94 -33.26 -27.62
C GLN B 225 21.86 -32.34 -28.84
N ASP B 226 20.92 -32.59 -29.75
CA ASP B 226 20.77 -31.76 -30.93
C ASP B 226 19.32 -31.78 -31.38
N THR B 227 19.00 -31.01 -32.42
CA THR B 227 17.64 -30.86 -32.93
C THR B 227 17.30 -31.88 -34.02
N LYS B 228 18.16 -32.86 -34.27
CA LYS B 228 17.95 -33.88 -35.28
C LYS B 228 17.54 -35.22 -34.69
N LYS B 229 18.18 -35.56 -33.57
CA LYS B 229 17.97 -36.92 -32.96
C LYS B 229 16.55 -37.12 -32.45
N ILE B 230 15.96 -38.27 -32.77
CA ILE B 230 14.67 -38.62 -32.23
C ILE B 230 14.92 -39.55 -31.05
N SER B 231 14.31 -39.23 -29.91
CA SER B 231 14.44 -40.02 -28.69
C SER B 231 13.98 -41.45 -28.92
N LYS B 232 14.48 -42.34 -28.04
CA LYS B 232 13.89 -43.65 -27.87
C LYS B 232 12.41 -43.54 -27.49
N ILE B 233 11.68 -44.64 -27.70
CA ILE B 233 10.29 -44.73 -27.26
C ILE B 233 10.26 -44.66 -25.72
N VAL B 234 9.48 -43.71 -25.19
CA VAL B 234 9.38 -43.51 -23.75
C VAL B 234 7.91 -43.49 -23.36
N GLU B 235 7.56 -44.32 -22.37
CA GLU B 235 6.21 -44.41 -21.82
C GLU B 235 6.01 -43.42 -20.67
N SER B 236 4.88 -42.73 -20.70
CA SER B 236 4.42 -41.83 -19.64
C SER B 236 2.99 -42.23 -19.27
N GLU B 237 2.42 -41.53 -18.29
CA GLU B 237 1.01 -41.78 -17.97
C GLU B 237 0.11 -41.47 -19.14
N TYR B 238 0.57 -40.65 -20.10
CA TYR B 238 -0.27 -40.30 -21.24
C TYR B 238 -0.20 -41.33 -22.36
N GLY B 239 0.81 -42.19 -22.36
CA GLY B 239 0.99 -43.15 -23.44
C GLY B 239 2.43 -43.26 -23.89
N PHE B 240 2.67 -43.40 -25.20
CA PHE B 240 4.02 -43.60 -25.73
C PHE B 240 4.45 -42.45 -26.64
N HIS B 241 5.65 -41.91 -26.37
CA HIS B 241 6.22 -40.73 -27.01
C HIS B 241 7.48 -41.08 -27.79
N ILE B 242 7.70 -40.36 -28.90
CA ILE B 242 9.04 -40.07 -29.42
C ILE B 242 9.20 -38.55 -29.42
N ILE B 243 10.40 -38.08 -29.08
CA ILE B 243 10.66 -36.67 -28.75
C ILE B 243 11.83 -36.17 -29.58
N GLN B 244 11.69 -34.95 -30.09
CA GLN B 244 12.79 -34.25 -30.74
C GLN B 244 12.97 -32.87 -30.11
N LEU B 245 14.22 -32.50 -29.85
CA LEU B 245 14.56 -31.18 -29.33
C LEU B 245 14.31 -30.09 -30.37
N ILE B 246 13.71 -28.98 -29.93
CA ILE B 246 13.66 -27.76 -30.75
C ILE B 246 14.69 -26.75 -30.26
N GLU B 247 14.69 -26.39 -29.01
CA GLU B 247 15.53 -25.31 -28.53
C GLU B 247 15.67 -25.39 -27.02
N LYS B 248 16.90 -25.32 -26.52
CA LYS B 248 17.17 -25.03 -25.11
C LYS B 248 17.36 -23.53 -25.00
N ARG B 249 16.51 -22.87 -24.23
CA ARG B 249 16.56 -21.40 -24.12
C ARG B 249 16.41 -21.03 -22.65
N GLY B 250 17.51 -20.97 -21.94
CA GLY B 250 17.57 -20.71 -20.51
C GLY B 250 17.61 -22.00 -19.74
N ASP B 251 16.69 -22.14 -18.79
CA ASP B 251 16.53 -23.34 -17.99
C ASP B 251 15.44 -24.25 -18.55
N ARG B 252 14.74 -23.82 -19.59
CA ARG B 252 13.56 -24.44 -20.19
C ARG B 252 13.84 -24.96 -21.60
N ILE B 253 13.20 -26.07 -21.98
CA ILE B 253 13.34 -26.65 -23.31
C ILE B 253 12.01 -26.67 -24.03
N ASN B 254 12.09 -26.39 -25.38
CA ASN B 254 10.99 -26.57 -26.30
C ASN B 254 11.26 -27.84 -27.10
N THR B 255 10.27 -28.72 -27.17
CA THR B 255 10.39 -29.97 -27.91
C THR B 255 9.15 -30.17 -28.76
N ARG B 256 9.24 -31.12 -29.69
CA ARG B 256 8.08 -31.65 -30.39
C ARG B 256 8.01 -33.15 -30.15
N HIS B 257 6.79 -33.69 -30.15
CA HIS B 257 6.66 -35.11 -29.86
C HIS B 257 5.48 -35.67 -30.64
N ILE B 258 5.48 -37.00 -30.76
CA ILE B 258 4.33 -37.77 -31.25
C ILE B 258 3.90 -38.71 -30.13
N LEU B 259 2.65 -38.57 -29.70
CA LEU B 259 2.07 -39.37 -28.64
C LEU B 259 1.09 -40.37 -29.25
N LEU B 260 1.33 -41.66 -28.99
CA LEU B 260 0.37 -42.72 -29.31
C LEU B 260 -0.16 -43.34 -28.02
N LYS B 261 -1.47 -43.59 -28.01
CA LYS B 261 -2.19 -44.12 -26.86
C LYS B 261 -2.64 -45.53 -27.17
N PRO B 262 -2.27 -46.54 -26.38
CA PRO B 262 -2.85 -47.87 -26.57
C PRO B 262 -4.34 -47.85 -26.28
N LYS B 263 -5.12 -48.56 -27.11
CA LYS B 263 -6.57 -48.57 -26.98
C LYS B 263 -7.04 -49.51 -25.86
N VAL B 264 -8.01 -49.04 -25.06
CA VAL B 264 -8.80 -49.88 -24.18
C VAL B 264 -10.13 -50.21 -24.85
N SER B 265 -10.42 -51.48 -25.03
CA SER B 265 -11.72 -51.91 -25.54
C SER B 265 -12.69 -52.29 -24.41
N ASP B 266 -13.97 -52.40 -24.77
CA ASP B 266 -14.96 -53.05 -23.92
C ASP B 266 -14.49 -54.42 -23.44
N LYS B 267 -13.77 -55.16 -24.27
CA LYS B 267 -13.32 -56.48 -23.85
C LYS B 267 -12.43 -56.39 -22.61
N GLU B 268 -11.50 -55.43 -22.59
CA GLU B 268 -10.61 -55.33 -21.43
C GLU B 268 -11.31 -54.70 -20.23
N LEU B 269 -12.28 -53.80 -20.46
CA LEU B 269 -13.07 -53.27 -19.35
C LEU B 269 -13.89 -54.38 -18.70
N ASP B 270 -14.52 -55.25 -19.51
CA ASP B 270 -15.28 -56.37 -18.99
C ASP B 270 -14.40 -57.32 -18.18
N GLU B 271 -13.20 -57.64 -18.69
CA GLU B 271 -12.27 -58.54 -18.01
C GLU B 271 -11.80 -57.95 -16.69
N ALA B 272 -11.56 -56.63 -16.64
CA ALA B 272 -11.13 -56.00 -15.41
C ALA B 272 -12.25 -56.02 -14.37
N ASN B 273 -13.47 -55.64 -14.79
CA ASN B 273 -14.61 -55.74 -13.89
C ASN B 273 -14.82 -57.19 -13.40
N ALA B 274 -14.49 -58.20 -14.22
CA ALA B 274 -14.65 -59.59 -13.80
C ALA B 274 -13.62 -59.97 -12.73
N ARG B 275 -12.37 -59.51 -12.87
CA ARG B 275 -11.38 -59.73 -11.81
C ARG B 275 -11.82 -59.09 -10.50
N LEU B 276 -12.40 -57.88 -10.59
CA LEU B 276 -12.90 -57.22 -9.39
C LEU B 276 -14.13 -57.93 -8.82
N ASP B 277 -15.04 -58.43 -9.68
CA ASP B 277 -16.18 -59.19 -9.15
C ASP B 277 -15.73 -60.48 -8.46
N SER B 278 -14.67 -61.11 -8.96
CA SER B 278 -14.09 -62.27 -8.32
C SER B 278 -13.49 -61.93 -6.96
N ILE B 279 -12.76 -60.81 -6.88
CA ILE B 279 -12.27 -60.31 -5.59
C ILE B 279 -13.44 -60.08 -4.63
N ALA B 280 -14.50 -59.42 -5.12
CA ALA B 280 -15.66 -59.19 -4.27
C ALA B 280 -16.23 -60.51 -3.75
N ASN B 281 -16.25 -61.52 -4.62
CA ASN B 281 -16.81 -62.82 -4.23
C ASN B 281 -15.96 -63.46 -3.13
N ASP B 282 -14.64 -63.33 -3.22
CA ASP B 282 -13.80 -63.84 -2.13
C ASP B 282 -14.06 -63.10 -0.82
N ILE B 283 -14.36 -61.80 -0.90
CA ILE B 283 -14.61 -61.07 0.35
C ILE B 283 -15.95 -61.50 0.93
N ARG B 284 -16.96 -61.69 0.06
CA ARG B 284 -18.26 -62.16 0.54
C ARG B 284 -18.12 -63.56 1.12
N SER B 285 -17.19 -64.36 0.60
CA SER B 285 -16.89 -65.69 1.13
C SER B 285 -16.05 -65.64 2.41
N ASP B 286 -15.63 -64.44 2.85
CA ASP B 286 -14.73 -64.26 3.98
C ASP B 286 -13.40 -65.01 3.79
N LYS B 287 -12.92 -65.09 2.55
CA LYS B 287 -11.54 -65.53 2.37
C LYS B 287 -10.57 -64.47 2.91
N PHE B 288 -10.92 -63.18 2.79
CA PHE B 288 -10.16 -62.07 3.33
C PHE B 288 -11.12 -60.87 3.49
N THR B 289 -10.69 -59.85 4.21
CA THR B 289 -11.59 -58.71 4.39
C THR B 289 -11.44 -57.67 3.27
N PHE B 290 -12.42 -56.76 3.18
CA PHE B 290 -12.33 -55.64 2.24
C PHE B 290 -11.10 -54.76 2.55
N ASP B 291 -10.81 -54.54 3.84
CA ASP B 291 -9.64 -53.75 4.22
C ASP B 291 -8.37 -54.38 3.65
N GLN B 292 -8.22 -55.69 3.81
CA GLN B 292 -7.03 -56.36 3.33
C GLN B 292 -6.97 -56.33 1.81
N ALA B 293 -8.13 -56.51 1.16
CA ALA B 293 -8.17 -56.50 -0.30
C ALA B 293 -7.79 -55.13 -0.85
N ALA B 294 -8.26 -54.05 -0.20
CA ALA B 294 -7.86 -52.72 -0.65
C ALA B 294 -6.36 -52.50 -0.47
N SER B 295 -5.82 -52.89 0.69
CA SER B 295 -4.42 -52.57 0.98
C SER B 295 -3.48 -53.38 0.09
N ALA B 296 -3.85 -54.61 -0.24
CA ALA B 296 -3.05 -55.53 -1.05
C ALA B 296 -3.33 -55.39 -2.55
N LEU B 297 -4.56 -55.12 -2.96
CA LEU B 297 -4.97 -55.32 -4.34
C LEU B 297 -5.39 -54.05 -5.07
N SER B 298 -5.75 -52.99 -4.36
CA SER B 298 -6.24 -51.77 -5.00
C SER B 298 -5.11 -50.98 -5.67
N GLN B 299 -5.39 -50.37 -6.81
CA GLN B 299 -4.45 -49.47 -7.45
C GLN B 299 -4.75 -48.00 -7.16
N ASP B 300 -5.65 -47.71 -6.23
CA ASP B 300 -6.00 -46.32 -5.94
C ASP B 300 -4.99 -45.74 -4.96
N LYS B 301 -4.02 -44.98 -5.51
CA LYS B 301 -2.93 -44.43 -4.72
C LYS B 301 -3.44 -43.66 -3.51
N ASP B 302 -4.49 -42.86 -3.69
CA ASP B 302 -4.97 -41.98 -2.63
C ASP B 302 -5.52 -42.75 -1.44
N THR B 303 -6.13 -43.93 -1.64
CA THR B 303 -6.84 -44.62 -0.57
C THR B 303 -6.26 -45.97 -0.17
N ARG B 304 -5.45 -46.61 -1.03
CA ARG B 304 -4.99 -47.97 -0.76
C ARG B 304 -4.19 -48.08 0.54
N ASN B 305 -3.54 -47.01 1.00
CA ASN B 305 -2.80 -47.12 2.25
C ASN B 305 -3.67 -46.94 3.50
N ASN B 306 -4.97 -46.63 3.34
CA ASN B 306 -5.89 -46.51 4.46
C ASN B 306 -7.14 -47.37 4.23
N HIS B 307 -6.96 -48.62 3.77
CA HIS B 307 -8.06 -49.58 3.63
C HIS B 307 -9.11 -49.15 2.61
N GLY B 308 -8.72 -48.33 1.63
CA GLY B 308 -9.63 -47.90 0.60
C GLY B 308 -10.64 -46.86 1.02
N LEU B 309 -10.56 -46.35 2.26
CA LEU B 309 -11.50 -45.33 2.72
C LEU B 309 -11.36 -44.04 1.92
N MET B 310 -12.42 -43.65 1.22
CA MET B 310 -12.41 -42.45 0.40
C MET B 310 -12.43 -41.19 1.26
N GLN B 311 -11.65 -40.18 0.87
CA GLN B 311 -11.59 -38.92 1.59
C GLN B 311 -12.37 -37.86 0.84
N ASN B 312 -13.25 -37.17 1.55
CA ASN B 312 -14.06 -36.09 0.97
C ASN B 312 -13.25 -34.79 0.94
N PRO B 313 -12.96 -34.23 -0.24
CA PRO B 313 -12.23 -32.94 -0.27
C PRO B 313 -13.02 -31.78 0.32
N GLN B 314 -14.36 -31.87 0.35
CA GLN B 314 -15.21 -30.83 0.95
C GLN B 314 -14.94 -30.60 2.43
N ASN B 315 -15.10 -31.64 3.25
CA ASN B 315 -15.03 -31.45 4.68
C ASN B 315 -13.78 -32.03 5.35
N GLN B 316 -12.85 -32.59 4.59
CA GLN B 316 -11.61 -33.21 5.03
C GLN B 316 -11.78 -34.57 5.71
N THR B 317 -12.97 -35.15 5.73
CA THR B 317 -13.22 -36.40 6.45
C THR B 317 -13.67 -37.49 5.47
N ALA B 318 -14.03 -38.64 6.01
CA ALA B 318 -14.56 -39.75 5.24
C ALA B 318 -16.05 -39.61 4.93
N LYS B 319 -16.75 -38.65 5.52
CA LYS B 319 -18.20 -38.52 5.36
C LYS B 319 -18.51 -37.77 4.06
N PHE B 320 -19.28 -38.39 3.18
CA PHE B 320 -19.75 -37.73 1.96
C PHE B 320 -21.25 -37.51 2.03
N GLU B 321 -21.71 -36.34 1.61
CA GLU B 321 -23.07 -36.24 1.13
C GLU B 321 -23.12 -36.80 -0.28
N MET B 322 -24.29 -37.33 -0.67
CA MET B 322 -24.38 -38.08 -1.93
C MET B 322 -23.90 -37.26 -3.11
N GLN B 323 -24.06 -35.93 -3.05
CA GLN B 323 -23.70 -35.10 -4.20
C GLN B 323 -22.20 -34.83 -4.26
N ASP B 324 -21.49 -34.98 -3.14
CA ASP B 324 -20.04 -34.86 -3.09
C ASP B 324 -19.30 -36.08 -3.61
N LEU B 325 -20.02 -37.11 -4.05
CA LEU B 325 -19.42 -38.35 -4.55
C LEU B 325 -19.26 -38.27 -6.07
N PRO B 326 -18.19 -38.86 -6.61
CA PRO B 326 -18.14 -39.08 -8.06
C PRO B 326 -19.44 -39.71 -8.53
N GLN B 327 -19.93 -39.21 -9.67
CA GLN B 327 -21.30 -39.49 -10.07
C GLN B 327 -21.54 -40.98 -10.29
N GLU B 328 -20.53 -41.72 -10.76
CA GLU B 328 -20.73 -43.15 -10.95
C GLU B 328 -20.82 -43.89 -9.61
N ILE B 329 -20.13 -43.39 -8.59
CA ILE B 329 -20.14 -44.02 -7.28
C ILE B 329 -21.45 -43.72 -6.55
N ALA B 330 -21.86 -42.44 -6.57
CA ALA B 330 -23.14 -42.03 -6.00
C ALA B 330 -24.29 -42.92 -6.50
N LYS B 331 -24.31 -43.21 -7.80
CA LYS B 331 -25.43 -43.95 -8.38
C LYS B 331 -25.44 -45.39 -7.92
N VAL B 332 -24.25 -45.95 -7.70
CA VAL B 332 -24.13 -47.31 -7.19
C VAL B 332 -24.47 -47.34 -5.70
N VAL B 333 -23.85 -46.43 -4.94
CA VAL B 333 -24.02 -46.39 -3.49
C VAL B 333 -25.49 -46.19 -3.13
N ASP B 334 -26.21 -45.37 -3.91
CA ASP B 334 -27.61 -45.06 -3.60
C ASP B 334 -28.47 -46.29 -3.41
N LYS B 335 -28.16 -47.39 -4.11
CA LYS B 335 -29.00 -48.58 -4.12
C LYS B 335 -28.52 -49.63 -3.11
N MET B 336 -27.55 -49.28 -2.27
CA MET B 336 -26.75 -50.23 -1.49
C MET B 336 -27.14 -50.19 -0.03
N ASN B 337 -27.04 -51.35 0.62
CA ASN B 337 -27.13 -51.42 2.07
C ASN B 337 -25.75 -51.37 2.73
N ILE B 338 -25.76 -51.00 4.00
CA ILE B 338 -24.55 -50.94 4.80
C ILE B 338 -23.85 -52.30 4.75
N GLY B 339 -22.56 -52.28 4.44
CA GLY B 339 -21.78 -53.50 4.42
C GLY B 339 -21.78 -54.19 3.07
N GLU B 340 -22.66 -53.77 2.16
CA GLU B 340 -22.71 -54.39 0.84
C GLU B 340 -21.47 -54.02 0.03
N ILE B 341 -21.08 -54.92 -0.86
CA ILE B 341 -20.07 -54.64 -1.87
C ILE B 341 -20.73 -54.60 -3.24
N SER B 342 -20.45 -53.55 -3.99
CA SER B 342 -21.06 -53.33 -5.28
C SER B 342 -20.54 -54.33 -6.32
N LYS B 343 -21.38 -54.55 -7.33
CA LYS B 343 -20.90 -55.07 -8.61
C LYS B 343 -19.81 -54.12 -9.13
N ALA B 344 -18.83 -54.70 -9.84
CA ALA B 344 -17.76 -53.90 -10.43
C ALA B 344 -18.29 -52.98 -11.51
N PHE B 345 -17.81 -51.74 -11.55
CA PHE B 345 -18.26 -50.80 -12.56
C PHE B 345 -17.09 -49.98 -13.10
N THR B 346 -17.22 -49.56 -14.36
CA THR B 346 -16.26 -48.64 -14.96
C THR B 346 -16.60 -47.20 -14.57
N MET B 347 -15.56 -46.42 -14.26
CA MET B 347 -15.70 -45.00 -14.01
C MET B 347 -14.49 -44.27 -14.60
N VAL B 348 -14.62 -42.95 -14.74
CA VAL B 348 -13.50 -42.08 -15.09
C VAL B 348 -13.08 -41.33 -13.83
N ASN B 349 -11.88 -41.65 -13.32
CA ASN B 349 -11.37 -40.97 -12.10
C ASN B 349 -11.15 -39.49 -12.44
N PRO B 350 -11.61 -38.52 -11.61
CA PRO B 350 -11.49 -37.10 -11.97
C PRO B 350 -10.08 -36.52 -11.81
N LYS B 351 -9.17 -37.22 -11.13
CA LYS B 351 -7.84 -36.65 -10.94
C LYS B 351 -6.99 -36.77 -12.22
N ASP B 352 -7.14 -37.84 -13.00
CA ASP B 352 -6.32 -38.01 -14.20
C ASP B 352 -7.05 -38.24 -15.52
N GLY B 353 -8.38 -38.31 -15.54
CA GLY B 353 -9.07 -38.56 -16.80
C GLY B 353 -9.10 -40.02 -17.26
N LYS B 354 -8.49 -40.95 -16.52
CA LYS B 354 -8.39 -42.35 -16.98
C LYS B 354 -9.57 -43.20 -16.53
N GLU B 355 -10.11 -43.99 -17.46
CA GLU B 355 -11.02 -45.08 -17.15
C GLU B 355 -10.38 -46.08 -16.19
N VAL B 356 -11.06 -46.33 -15.05
CA VAL B 356 -10.68 -47.39 -14.14
C VAL B 356 -11.92 -48.20 -13.80
N CYS B 357 -11.68 -49.39 -13.27
CA CYS B 357 -12.72 -50.29 -12.82
C CYS B 357 -12.64 -50.36 -11.30
N ALA B 358 -13.80 -50.36 -10.65
CA ALA B 358 -13.87 -50.28 -9.19
C ALA B 358 -15.00 -51.16 -8.64
N ILE B 359 -14.80 -51.63 -7.40
CA ILE B 359 -15.90 -52.04 -6.52
C ILE B 359 -15.88 -51.14 -5.30
N VAL B 360 -17.07 -50.82 -4.78
CA VAL B 360 -17.15 -50.05 -3.54
C VAL B 360 -17.92 -50.82 -2.48
N LYS B 361 -17.54 -50.60 -1.22
CA LYS B 361 -18.28 -51.05 -0.04
C LYS B 361 -18.88 -49.85 0.67
N LEU B 362 -20.17 -49.94 1.02
CA LEU B 362 -20.79 -48.93 1.87
C LEU B 362 -20.43 -49.22 3.33
N LYS B 363 -19.44 -48.47 3.86
CA LYS B 363 -19.03 -48.67 5.25
C LYS B 363 -20.13 -48.28 6.23
N SER B 364 -20.86 -47.21 5.93
CA SER B 364 -21.81 -46.64 6.88
C SER B 364 -22.72 -45.65 6.16
N ARG B 365 -23.95 -45.56 6.65
CA ARG B 365 -24.87 -44.52 6.21
C ARG B 365 -25.55 -43.97 7.46
N ILE B 366 -25.46 -42.65 7.64
CA ILE B 366 -26.18 -41.95 8.69
C ILE B 366 -27.24 -41.09 8.00
N ASN B 367 -28.50 -41.41 8.26
CA ASN B 367 -29.63 -40.71 7.68
C ASN B 367 -29.64 -39.26 8.14
N GLY B 368 -30.23 -38.40 7.30
CA GLY B 368 -30.46 -37.00 7.63
C GLY B 368 -31.12 -36.73 8.97
N HIS B 369 -30.65 -35.68 9.66
CA HIS B 369 -31.11 -35.35 11.00
C HIS B 369 -30.79 -33.90 11.33
N LYS B 370 -31.52 -33.36 12.31
CA LYS B 370 -31.15 -32.08 12.89
C LYS B 370 -29.88 -32.24 13.70
N ALA B 371 -28.94 -31.30 13.54
CA ALA B 371 -27.64 -31.41 14.19
C ALA B 371 -27.75 -31.30 15.70
N THR B 372 -26.87 -32.04 16.39
CA THR B 372 -26.67 -31.94 17.84
C THR B 372 -25.20 -31.67 18.12
N ILE B 373 -24.95 -30.98 19.23
CA ILE B 373 -23.59 -30.71 19.66
C ILE B 373 -22.86 -31.99 20.03
N THR B 374 -23.58 -33.02 20.47
CA THR B 374 -22.93 -34.26 20.89
C THR B 374 -22.39 -35.02 19.69
N ASP B 375 -23.20 -35.14 18.63
CA ASP B 375 -22.92 -36.04 17.52
C ASP B 375 -22.61 -35.34 16.21
N ASP B 376 -22.88 -34.04 16.08
CA ASP B 376 -22.58 -33.29 14.86
C ASP B 376 -21.75 -32.06 15.17
N TYR B 377 -20.80 -32.19 16.10
CA TYR B 377 -20.03 -31.04 16.55
C TYR B 377 -19.31 -30.39 15.38
N GLN B 378 -18.50 -31.17 14.65
CA GLN B 378 -17.72 -30.65 13.52
C GLN B 378 -18.59 -29.84 12.56
N ASN B 379 -19.81 -30.33 12.31
CA ASN B 379 -20.74 -29.62 11.45
C ASN B 379 -21.09 -28.25 12.04
N LEU B 380 -21.49 -28.24 13.32
CA LEU B 380 -21.85 -26.98 13.97
C LEU B 380 -20.63 -26.07 14.13
N LYS B 381 -19.47 -26.66 14.43
CA LYS B 381 -18.25 -25.89 14.62
C LYS B 381 -17.86 -25.15 13.35
N GLU B 382 -17.94 -25.83 12.19
CA GLU B 382 -17.55 -25.20 10.94
C GLU B 382 -18.43 -23.99 10.65
N ILE B 383 -19.73 -24.09 10.96
CA ILE B 383 -20.63 -22.95 10.75
C ILE B 383 -20.12 -21.74 11.53
N VAL B 384 -19.75 -21.95 12.79
CA VAL B 384 -19.38 -20.85 13.67
C VAL B 384 -18.02 -20.30 13.25
N LEU B 385 -17.07 -21.20 12.98
CA LEU B 385 -15.77 -20.81 12.44
C LEU B 385 -15.93 -19.91 11.23
N ASP B 386 -16.70 -20.37 10.24
CA ASP B 386 -16.86 -19.59 9.02
C ASP B 386 -17.43 -18.20 9.30
N LYS B 387 -18.36 -18.07 10.26
CA LYS B 387 -18.87 -16.75 10.59
C LYS B 387 -17.77 -15.88 11.22
N ARG B 388 -16.96 -16.44 12.13
CA ARG B 388 -15.90 -15.63 12.74
C ARG B 388 -14.81 -15.27 11.73
N ARG B 389 -14.43 -16.21 10.85
CA ARG B 389 -13.53 -15.86 9.74
C ARG B 389 -14.08 -14.69 8.92
N GLU B 390 -15.38 -14.76 8.54
CA GLU B 390 -15.99 -13.72 7.72
C GLU B 390 -15.92 -12.37 8.39
N GLU B 391 -16.20 -12.34 9.70
CA GLU B 391 -16.17 -11.10 10.46
C GLU B 391 -14.76 -10.53 10.51
N ALA B 392 -13.75 -11.40 10.61
CA ALA B 392 -12.37 -10.93 10.60
C ALA B 392 -12.00 -10.32 9.24
N LEU B 393 -12.37 -11.00 8.15
CA LEU B 393 -12.08 -10.49 6.81
C LEU B 393 -12.77 -9.16 6.55
N GLN B 394 -13.97 -8.98 7.09
CA GLN B 394 -14.67 -7.71 6.91
C GLN B 394 -13.93 -6.59 7.64
N LYS B 395 -13.51 -6.85 8.88
CA LYS B 395 -12.70 -5.89 9.60
C LYS B 395 -11.39 -5.59 8.86
N TRP B 396 -10.74 -6.63 8.31
CA TRP B 396 -9.51 -6.42 7.54
C TRP B 396 -9.75 -5.52 6.31
N ILE B 397 -10.88 -5.71 5.61
CA ILE B 397 -11.14 -4.94 4.40
C ILE B 397 -11.19 -3.46 4.71
N VAL B 398 -11.84 -3.12 5.82
CA VAL B 398 -11.98 -1.74 6.24
C VAL B 398 -10.61 -1.13 6.55
N GLU B 399 -9.74 -1.87 7.26
CA GLU B 399 -8.37 -1.39 7.51
C GLU B 399 -7.57 -1.26 6.21
N LYS B 400 -7.67 -2.25 5.32
CA LYS B 400 -6.86 -2.25 4.11
C LYS B 400 -7.22 -1.07 3.20
N GLN B 401 -8.52 -0.79 3.04
CA GLN B 401 -8.88 0.27 2.11
C GLN B 401 -8.41 1.64 2.61
N LYS B 402 -8.30 1.83 3.93
CA LYS B 402 -7.72 3.06 4.47
C LYS B 402 -6.24 3.19 4.13
N HIS B 403 -5.57 2.11 3.75
CA HIS B 403 -4.15 2.14 3.41
C HIS B 403 -3.92 1.89 1.93
N THR B 404 -4.95 2.06 1.11
CA THR B 404 -4.88 1.78 -0.32
C THR B 404 -5.50 2.95 -1.08
N TYR B 405 -4.92 3.25 -2.23
CA TYR B 405 -5.52 4.24 -3.12
C TYR B 405 -6.85 3.72 -3.70
N VAL B 406 -7.94 4.45 -3.46
CA VAL B 406 -9.26 4.09 -3.95
C VAL B 406 -9.93 5.32 -4.55
N ARG B 407 -10.56 5.16 -5.71
CA ARG B 407 -11.42 6.17 -6.29
C ARG B 407 -12.63 5.50 -6.93
N ILE B 408 -13.81 6.09 -6.73
CA ILE B 408 -15.08 5.55 -7.18
C ILE B 408 -15.76 6.54 -8.14
N ASN B 409 -16.30 6.01 -9.23
CA ASN B 409 -17.12 6.79 -10.14
C ASN B 409 -18.26 7.48 -9.38
N PRO B 410 -18.40 8.81 -9.51
CA PRO B 410 -19.41 9.53 -8.71
C PRO B 410 -20.85 9.18 -9.06
N ALA B 411 -21.11 8.44 -10.14
CA ALA B 411 -22.46 7.93 -10.37
C ALA B 411 -22.86 6.90 -9.33
N TRP B 412 -21.93 6.42 -8.51
CA TRP B 412 -22.25 5.49 -7.45
C TRP B 412 -22.29 6.16 -6.07
N GLN B 413 -22.26 7.49 -6.01
CA GLN B 413 -22.19 8.16 -4.72
C GLN B 413 -23.43 7.96 -3.86
N ARG B 414 -24.58 7.69 -4.46
CA ARG B 414 -25.79 7.42 -3.69
C ARG B 414 -25.79 6.05 -3.01
N CYS B 415 -24.79 5.20 -3.25
CA CYS B 415 -24.80 3.84 -2.72
C CYS B 415 -24.49 3.77 -1.22
N ASP B 416 -25.15 2.83 -0.54
CA ASP B 416 -24.78 2.40 0.80
C ASP B 416 -23.79 1.25 0.66
N PHE B 417 -22.51 1.53 0.86
CA PHE B 417 -21.50 0.50 0.75
C PHE B 417 -21.27 -0.20 2.09
N LYS B 418 -20.98 -1.50 2.03
CA LYS B 418 -20.65 -2.27 3.22
C LYS B 418 -19.34 -1.79 3.86
N TYR B 419 -18.29 -1.62 3.06
CA TYR B 419 -16.96 -1.48 3.62
C TYR B 419 -16.38 -0.06 3.50
N TRP B 420 -17.00 0.83 2.71
CA TRP B 420 -16.55 2.20 2.56
C TRP B 420 -17.60 3.17 3.09
N SER B 421 -17.27 3.90 4.16
CA SER B 421 -18.23 4.84 4.72
C SER B 421 -18.20 6.21 4.06
N HIS B 422 -17.03 6.67 3.60
CA HIS B 422 -16.90 7.99 2.96
C HIS B 422 -15.88 7.93 1.82
N PRO B 423 -16.17 7.16 0.77
CA PRO B 423 -15.19 6.98 -0.30
C PRO B 423 -14.97 8.27 -1.08
N GLN B 424 -13.83 8.32 -1.76
CA GLN B 424 -13.46 9.49 -2.54
C GLN B 424 -13.94 9.30 -3.97
N PHE B 425 -14.73 10.25 -4.48
CA PHE B 425 -15.36 10.15 -5.80
C PHE B 425 -14.64 11.07 -6.78
N GLU B 426 -13.53 10.59 -7.34
CA GLU B 426 -12.89 11.28 -8.46
C GLU B 426 -13.07 10.47 -9.75
N LYS B 427 -12.38 9.34 -9.88
CA LYS B 427 -12.29 8.58 -11.13
C LYS B 427 -13.51 7.69 -11.35
N VAL C 3 43.03 24.46 18.39
CA VAL C 3 42.12 23.42 17.90
C VAL C 3 41.30 23.96 16.73
N PHE C 4 40.73 23.04 15.93
CA PHE C 4 39.75 23.39 14.89
C PHE C 4 38.33 23.21 15.43
N ILE C 5 37.47 24.20 15.18
CA ILE C 5 36.03 24.04 15.34
C ILE C 5 35.42 23.88 13.95
N LYS C 6 34.58 22.86 13.78
CA LYS C 6 34.06 22.41 12.49
C LYS C 6 32.56 22.16 12.61
N ASN C 7 31.78 22.65 11.63
CA ASN C 7 30.39 22.21 11.50
C ASN C 7 30.27 21.27 10.30
N ARG C 8 29.06 20.79 10.06
CA ARG C 8 28.83 19.76 9.06
C ARG C 8 28.79 20.28 7.62
N TYR C 9 28.84 21.60 7.39
CA TYR C 9 28.81 22.16 6.05
C TYR C 9 30.18 22.63 5.54
N GLY C 10 31.27 22.18 6.16
CA GLY C 10 32.59 22.62 5.72
C GLY C 10 33.04 23.98 6.22
N TRP C 11 32.39 24.50 7.26
CA TRP C 11 32.82 25.74 7.91
C TRP C 11 33.73 25.37 9.08
N THR C 12 34.92 25.99 9.10
CA THR C 12 35.91 25.74 10.15
C THR C 12 36.61 27.03 10.55
N ILE C 13 36.75 27.23 11.86
CA ILE C 13 37.62 28.28 12.41
C ILE C 13 38.73 27.60 13.18
N THR C 14 39.82 28.34 13.39
CA THR C 14 40.88 27.92 14.30
C THR C 14 40.82 28.71 15.60
N LEU C 15 40.77 27.98 16.73
CA LEU C 15 40.66 28.61 18.05
C LEU C 15 41.55 27.85 19.04
N GLU C 16 42.87 27.99 18.90
CA GLU C 16 43.78 27.41 19.93
C GLU C 16 44.00 28.52 20.95
N VAL C 17 43.59 28.30 22.18
CA VAL C 17 43.61 29.34 23.21
C VAL C 17 44.32 28.78 24.44
N SER C 18 43.69 27.82 25.11
CA SER C 18 44.25 27.12 26.26
C SER C 18 43.27 26.06 26.72
N PRO C 19 43.69 24.96 27.33
CA PRO C 19 42.72 24.14 28.05
C PRO C 19 41.95 24.97 29.08
N THR C 20 41.06 25.83 28.57
CA THR C 20 40.10 26.56 29.44
C THR C 20 39.05 25.48 29.56
N ASP C 21 39.11 24.70 30.64
CA ASP C 21 38.33 23.49 30.72
C ASP C 21 36.90 23.69 31.21
N THR C 22 36.40 24.93 31.22
CA THR C 22 35.02 25.23 31.69
C THR C 22 33.99 24.77 30.65
N VAL C 23 34.42 24.43 29.44
CA VAL C 23 33.55 23.98 28.35
C VAL C 23 32.66 25.17 28.01
N GLU C 24 31.84 25.63 28.97
CA GLU C 24 31.08 26.88 28.77
C GLU C 24 31.98 28.09 28.58
N ASN C 25 33.29 27.98 28.90
CA ASN C 25 34.24 29.06 28.62
C ASN C 25 34.69 29.03 27.17
N VAL C 26 34.99 27.85 26.63
CA VAL C 26 35.25 27.74 25.21
C VAL C 26 34.04 28.26 24.42
N LYS C 27 32.83 27.91 24.88
CA LYS C 27 31.60 28.42 24.28
C LYS C 27 31.54 29.95 24.36
N GLN C 28 32.22 30.52 25.37
CA GLN C 28 32.30 32.00 25.45
C GLN C 28 33.36 32.46 24.44
N LYS C 29 34.52 31.79 24.44
CA LYS C 29 35.57 32.13 23.48
C LYS C 29 35.06 32.09 22.04
N ILE C 30 33.99 31.34 21.78
CA ILE C 30 33.40 31.33 20.44
C ILE C 30 32.47 32.53 20.26
N GLN C 31 31.63 32.80 21.25
CA GLN C 31 30.80 34.00 21.24
C GLN C 31 31.65 35.26 21.08
N ASP C 32 32.80 35.30 21.77
CA ASP C 32 33.72 36.42 21.61
C ASP C 32 34.10 36.62 20.15
N LYS C 33 34.45 35.53 19.46
CA LYS C 33 35.11 35.61 18.17
C LYS C 33 34.13 35.64 16.99
N GLU C 34 33.00 34.98 17.10
CA GLU C 34 32.08 34.80 15.98
C GLU C 34 30.65 35.26 16.27
N GLY C 35 30.29 35.46 17.54
CA GLY C 35 29.07 36.15 17.91
C GLY C 35 27.88 35.27 18.21
N PHE C 36 28.09 33.96 18.37
CA PHE C 36 27.00 33.01 18.63
C PHE C 36 26.63 33.00 20.11
N PRO C 37 25.36 32.77 20.43
CA PRO C 37 24.94 32.71 21.85
C PRO C 37 25.29 31.37 22.47
N PRO C 38 26.01 31.37 23.60
CA PRO C 38 26.55 30.11 24.14
C PRO C 38 25.52 29.19 24.78
N ASP C 39 24.36 29.69 25.24
CA ASP C 39 23.31 28.77 25.65
C ASP C 39 22.75 27.99 24.45
N LYS C 40 23.14 28.38 23.23
CA LYS C 40 22.73 27.71 22.01
C LYS C 40 23.84 26.84 21.43
N ILE C 41 25.12 27.14 21.76
CA ILE C 41 26.25 26.37 21.25
C ILE C 41 26.24 24.97 21.83
N ARG C 42 26.48 23.98 20.97
CA ARG C 42 26.73 22.60 21.39
C ARG C 42 28.09 22.21 20.84
N LEU C 43 28.96 21.65 21.68
CA LEU C 43 30.28 21.21 21.26
C LEU C 43 30.42 19.70 21.44
N ILE C 44 31.12 19.05 20.50
CA ILE C 44 31.19 17.58 20.45
C ILE C 44 32.63 17.14 20.21
N TYR C 45 33.13 16.22 21.05
CA TYR C 45 34.41 15.56 20.81
C TYR C 45 34.33 14.12 21.29
N GLY C 46 35.01 13.24 20.56
CA GLY C 46 34.89 11.79 20.71
C GLY C 46 33.47 11.30 20.79
N GLY C 47 32.58 11.96 20.05
CA GLY C 47 31.19 11.54 19.94
C GLY C 47 30.31 11.90 21.11
N LYS C 48 30.86 12.53 22.16
CA LYS C 48 30.06 12.97 23.31
C LYS C 48 29.83 14.48 23.25
N GLN C 49 28.58 14.88 23.49
CA GLN C 49 28.26 16.27 23.83
C GLN C 49 29.05 16.70 25.06
N MET C 50 29.75 17.82 24.98
CA MET C 50 30.54 18.30 26.10
C MET C 50 29.64 19.00 27.13
N GLU C 51 29.49 18.37 28.30
CA GLU C 51 28.80 19.03 29.41
C GLU C 51 29.59 20.23 29.91
N ASP C 52 28.86 21.33 30.13
CA ASP C 52 29.45 22.57 30.61
C ASP C 52 30.29 22.34 31.87
N GLY C 53 29.76 21.63 32.85
CA GLY C 53 30.50 21.40 34.08
C GLY C 53 31.43 20.21 34.05
N ARG C 54 32.38 20.21 33.11
CA ARG C 54 33.38 19.15 32.96
C ARG C 54 34.65 19.80 32.41
N THR C 55 35.71 19.02 32.17
CA THR C 55 36.99 19.60 31.76
C THR C 55 37.39 19.13 30.36
N LEU C 56 38.03 20.06 29.62
CA LEU C 56 38.51 19.77 28.27
C LEU C 56 39.63 18.75 28.28
N ALA C 57 40.51 18.80 29.29
CA ALA C 57 41.58 17.82 29.43
C ALA C 57 41.03 16.39 29.43
N ASP C 58 40.08 16.12 30.32
CA ASP C 58 39.56 14.76 30.50
C ASP C 58 38.82 14.21 29.29
N TYR C 59 38.48 15.06 28.32
CA TYR C 59 37.96 14.56 27.04
C TYR C 59 39.11 14.19 26.12
N ASN C 60 40.35 14.49 26.56
CA ASN C 60 41.61 14.18 25.89
C ASN C 60 41.78 15.03 24.64
N VAL C 61 41.18 16.23 24.65
CA VAL C 61 41.29 17.14 23.53
C VAL C 61 42.76 17.47 23.30
N GLN C 62 43.28 17.06 22.15
CA GLN C 62 44.66 17.36 21.78
C GLN C 62 44.75 18.76 21.17
N LYS C 63 45.96 19.13 20.76
CA LYS C 63 46.18 20.33 19.98
C LYS C 63 46.19 19.94 18.51
N ASP C 64 45.60 20.81 17.67
CA ASP C 64 45.36 20.56 16.26
C ASP C 64 44.35 19.44 16.02
N SER C 65 43.53 19.17 17.03
CA SER C 65 42.39 18.26 16.94
C SER C 65 41.12 19.04 16.66
N THR C 66 40.15 18.37 16.05
CA THR C 66 38.93 19.02 15.58
C THR C 66 37.80 18.81 16.58
N ILE C 67 37.16 19.92 17.00
CA ILE C 67 35.93 19.91 17.80
C ILE C 67 34.74 20.17 16.87
N LEU C 68 33.64 19.45 17.10
CA LEU C 68 32.43 19.61 16.29
C LEU C 68 31.47 20.60 16.93
N ILE C 69 30.86 21.47 16.10
CA ILE C 69 29.90 22.46 16.57
C ILE C 69 28.58 22.34 15.83
N CYS C 70 27.47 22.55 16.55
CA CYS C 70 26.19 22.94 15.98
C CYS C 70 25.57 23.98 16.91
N ILE C 71 24.50 24.63 16.44
CA ILE C 71 23.85 25.74 17.14
C ILE C 71 22.38 25.39 17.34
N ARG C 72 21.92 25.46 18.59
CA ARG C 72 20.56 25.07 18.97
C ARG C 72 19.52 25.87 18.18
N ASP C 73 18.58 25.16 17.55
CA ASP C 73 17.46 25.74 16.79
C ASP C 73 17.91 26.40 15.49
N VAL C 74 19.14 26.09 15.06
CA VAL C 74 19.65 26.44 13.73
C VAL C 74 19.94 25.14 12.99
N ASP C 75 20.97 24.39 13.40
CA ASP C 75 21.23 23.09 12.81
C ASP C 75 21.15 21.95 13.81
N CYS C 76 20.87 22.25 15.08
CA CYS C 76 20.49 21.23 16.06
C CYS C 76 19.60 21.89 17.10
N MET D 1 22.21 -0.56 -7.41
CA MET D 1 21.10 0.29 -6.99
C MET D 1 21.65 1.45 -6.17
N GLU D 2 21.47 2.68 -6.67
CA GLU D 2 21.93 3.89 -5.98
C GLU D 2 20.89 4.47 -5.02
N VAL D 3 19.65 3.99 -5.12
CA VAL D 3 18.58 4.27 -4.18
C VAL D 3 18.73 3.36 -2.96
N VAL D 4 18.56 3.92 -1.76
CA VAL D 4 18.67 3.07 -0.58
C VAL D 4 17.37 2.32 -0.31
N TRP D 5 16.22 2.98 -0.49
CA TRP D 5 14.95 2.50 0.05
C TRP D 5 13.84 3.19 -0.74
N VAL D 6 12.89 2.41 -1.26
CA VAL D 6 11.72 2.95 -1.91
C VAL D 6 10.50 2.72 -1.02
N ILE D 7 9.72 3.78 -0.80
CA ILE D 7 8.42 3.72 -0.13
C ILE D 7 7.39 4.29 -1.09
N GLY D 8 6.41 3.46 -1.49
CA GLY D 8 5.50 3.87 -2.53
C GLY D 8 6.29 4.22 -3.78
N ASP D 9 6.20 5.48 -4.20
CA ASP D 9 6.99 5.95 -5.38
C ASP D 9 8.03 6.96 -4.92
N GLU D 10 8.34 7.00 -3.62
CA GLU D 10 9.33 7.93 -3.09
C GLU D 10 10.65 7.20 -2.80
N ALA D 11 11.75 7.73 -3.32
CA ALA D 11 13.07 7.15 -3.13
C ALA D 11 13.83 7.91 -2.04
N ILE D 12 14.53 7.15 -1.20
CA ILE D 12 15.49 7.68 -0.23
C ILE D 12 16.89 7.48 -0.81
N LEU D 13 17.65 8.57 -0.92
CA LEU D 13 18.96 8.54 -1.58
C LEU D 13 20.08 8.43 -0.56
N LYS D 14 21.25 8.03 -1.06
CA LYS D 14 22.44 7.98 -0.22
C LYS D 14 22.72 9.35 0.39
N SER D 15 22.51 10.42 -0.39
CA SER D 15 22.72 11.75 0.14
C SER D 15 21.73 12.05 1.26
N ASP D 16 20.51 11.48 1.21
CA ASP D 16 19.57 11.67 2.31
C ASP D 16 20.08 10.98 3.57
N VAL D 17 20.60 9.76 3.43
CA VAL D 17 21.11 9.02 4.58
C VAL D 17 22.30 9.75 5.19
N GLU D 18 23.25 10.18 4.34
CA GLU D 18 24.44 10.89 4.82
C GLU D 18 24.06 12.18 5.57
N GLU D 19 23.10 12.94 5.06
CA GLU D 19 22.68 14.14 5.77
C GLU D 19 22.08 13.79 7.14
N ALA D 20 21.30 12.70 7.22
CA ALA D 20 20.74 12.32 8.50
C ALA D 20 21.81 11.72 9.42
N ARG D 21 22.83 11.08 8.85
CA ARG D 21 23.91 10.52 9.66
C ARG D 21 24.79 11.62 10.22
N LEU D 22 25.12 12.62 9.39
CA LEU D 22 25.86 13.77 9.89
C LEU D 22 25.05 14.51 10.95
N ALA D 23 23.75 14.70 10.72
CA ALA D 23 22.90 15.35 11.72
C ALA D 23 23.00 14.65 13.07
N ALA D 24 22.93 13.31 13.06
CA ALA D 24 23.03 12.57 14.31
C ALA D 24 24.37 12.78 15.00
N LEU D 25 25.45 12.81 14.21
CA LEU D 25 26.78 12.96 14.79
C LEU D 25 26.96 14.33 15.45
N TYR D 26 26.75 15.42 14.70
CA TYR D 26 26.91 16.77 15.23
C TYR D 26 25.94 17.06 16.38
N GLU D 27 24.85 16.32 16.49
CA GLU D 27 23.93 16.49 17.65
C GLU D 27 24.42 15.61 18.80
N GLY D 28 25.49 14.85 18.56
CA GLY D 28 25.99 13.90 19.55
C GLY D 28 25.00 12.82 19.94
N ARG D 29 24.18 12.36 18.99
CA ARG D 29 23.25 11.29 19.28
C ARG D 29 24.01 9.99 19.56
N LYS D 30 23.51 9.23 20.53
CA LYS D 30 24.04 7.92 20.88
C LYS D 30 22.99 6.89 20.48
N PHE D 31 23.42 5.81 19.82
CA PHE D 31 22.51 4.98 19.03
C PHE D 31 22.06 3.71 19.72
N ASP D 32 20.74 3.52 19.72
CA ASP D 32 20.06 2.32 20.17
C ASP D 32 20.49 1.08 19.40
N GLY D 33 20.86 1.24 18.13
CA GLY D 33 21.33 0.13 17.32
C GLY D 33 22.45 0.61 16.42
N ASP D 34 22.64 -0.10 15.33
CA ASP D 34 23.65 0.27 14.34
C ASP D 34 23.11 1.42 13.48
N PRO D 35 23.70 2.62 13.54
CA PRO D 35 23.18 3.75 12.74
C PRO D 35 23.12 3.48 11.23
N TYR D 36 23.95 2.58 10.71
CA TYR D 36 23.82 2.15 9.32
C TYR D 36 22.40 1.69 8.99
N CYS D 37 21.74 1.02 9.93
CA CYS D 37 20.39 0.50 9.78
C CYS D 37 19.35 1.46 10.31
N VAL D 38 19.62 2.10 11.45
CA VAL D 38 18.59 2.87 12.14
C VAL D 38 18.20 4.10 11.34
N ILE D 39 19.18 4.77 10.73
CA ILE D 39 18.94 6.06 10.08
C ILE D 39 18.08 5.83 8.83
N PRO D 40 18.45 4.94 7.90
CA PRO D 40 17.56 4.74 6.73
C PRO D 40 16.15 4.33 7.12
N GLU D 41 16.02 3.51 8.19
CA GLU D 41 14.70 3.08 8.60
C GLU D 41 13.88 4.27 9.10
N GLU D 42 14.52 5.14 9.87
CA GLU D 42 13.84 6.35 10.34
C GLU D 42 13.38 7.21 9.17
N LEU D 43 14.21 7.33 8.14
CA LEU D 43 13.81 8.09 6.96
C LEU D 43 12.62 7.41 6.28
N ALA D 44 12.57 6.06 6.32
CA ALA D 44 11.50 5.34 5.64
C ALA D 44 10.19 5.51 6.40
N VAL D 45 10.26 5.50 7.73
CA VAL D 45 9.10 5.75 8.57
C VAL D 45 8.48 7.11 8.24
N GLN D 46 9.31 8.14 8.10
CA GLN D 46 8.83 9.46 7.68
C GLN D 46 8.08 9.38 6.34
N LYS D 47 8.65 8.66 5.37
CA LYS D 47 7.97 8.48 4.09
C LYS D 47 6.62 7.78 4.24
N LEU D 48 6.46 6.91 5.25
CA LEU D 48 5.16 6.29 5.50
C LEU D 48 4.10 7.34 5.86
N TYR D 49 4.44 8.28 6.75
CA TYR D 49 3.51 9.36 7.11
C TYR D 49 3.15 10.20 5.90
N MET D 50 4.15 10.54 5.06
CA MET D 50 3.87 11.32 3.86
C MET D 50 3.01 10.54 2.88
N HIS D 51 3.24 9.22 2.80
CA HIS D 51 2.44 8.35 1.95
C HIS D 51 0.97 8.37 2.36
N GLN D 52 0.69 8.15 3.67
CA GLN D 52 -0.66 8.27 4.18
C GLN D 52 -1.25 9.65 3.92
N ALA D 53 -0.42 10.71 3.98
CA ALA D 53 -0.93 12.07 3.81
C ALA D 53 -1.42 12.30 2.39
N VAL D 54 -0.76 11.71 1.40
CA VAL D 54 -1.28 11.73 0.03
C VAL D 54 -2.63 11.02 -0.03
N LEU D 55 -2.72 9.83 0.60
CA LEU D 55 -3.94 9.05 0.51
C LEU D 55 -5.13 9.77 1.13
N ASP D 56 -4.89 10.56 2.18
CA ASP D 56 -5.93 11.24 2.92
C ASP D 56 -6.05 12.71 2.52
N SER D 57 -5.37 13.12 1.44
CA SER D 57 -5.40 14.49 0.91
C SER D 57 -5.03 15.52 1.97
N ILE D 58 -4.04 15.19 2.80
CA ILE D 58 -3.46 16.16 3.73
C ILE D 58 -2.34 16.88 2.97
N GLU D 59 -2.55 18.16 2.76
CA GLU D 59 -1.56 18.98 2.04
C GLU D 59 -1.27 20.24 2.83
N VAL D 60 -0.14 20.87 2.53
CA VAL D 60 0.27 22.10 3.20
C VAL D 60 0.35 23.21 2.16
N PRO D 61 -0.42 24.29 2.31
CA PRO D 61 -0.38 25.37 1.32
C PRO D 61 1.01 26.00 1.29
N GLU D 62 1.49 26.25 0.06
CA GLU D 62 2.81 26.85 -0.12
C GLU D 62 2.98 28.08 0.77
N ALA D 63 1.90 28.86 0.92
CA ALA D 63 1.92 30.03 1.79
C ALA D 63 2.46 29.68 3.18
N GLU D 64 1.92 28.64 3.80
CA GLU D 64 2.31 28.31 5.17
C GLU D 64 3.78 27.88 5.23
N VAL D 65 4.27 27.25 4.17
CA VAL D 65 5.66 26.80 4.11
C VAL D 65 6.60 28.00 4.07
N ILE D 66 6.30 28.97 3.20
CA ILE D 66 7.15 30.15 3.03
C ILE D 66 7.15 30.98 4.31
N GLN D 67 6.00 31.08 4.97
CA GLN D 67 5.89 31.75 6.26
C GLN D 67 6.80 31.08 7.29
N ARG D 68 6.79 29.75 7.33
CA ARG D 68 7.63 29.01 8.27
C ARG D 68 9.10 29.24 7.98
N VAL D 69 9.51 29.10 6.72
CA VAL D 69 10.90 29.30 6.32
C VAL D 69 11.39 30.69 6.71
N ASP D 70 10.67 31.75 6.30
CA ASP D 70 11.08 33.11 6.59
C ASP D 70 11.24 33.32 8.08
N TYR D 71 10.31 32.79 8.87
CA TYR D 71 10.37 32.85 10.33
C TYR D 71 11.65 32.20 10.85
N GLN D 72 11.95 31.00 10.34
CA GLN D 72 13.17 30.29 10.77
C GLN D 72 14.42 31.08 10.41
N ILE D 73 14.53 31.52 9.15
CA ILE D 73 15.73 32.28 8.70
C ILE D 73 15.96 33.46 9.64
N ASN D 74 14.91 34.22 9.96
CA ASN D 74 15.05 35.38 10.82
C ASN D 74 15.53 34.98 12.20
N ASN D 75 14.94 33.93 12.79
CA ASN D 75 15.50 33.39 14.02
C ASN D 75 16.97 32.99 13.83
N TYR D 76 17.29 32.36 12.69
CA TYR D 76 18.68 32.01 12.42
C TYR D 76 19.59 33.24 12.40
N ILE D 77 19.15 34.32 11.74
CA ILE D 77 19.99 35.53 11.63
C ILE D 77 20.20 36.16 13.00
N GLN D 78 19.16 36.15 13.82
CA GLN D 78 19.29 36.69 15.20
C GLN D 78 20.32 35.85 15.95
N ALA D 79 20.24 34.53 15.84
CA ALA D 79 21.21 33.67 16.52
C ALA D 79 22.63 33.89 15.96
N MET D 80 22.75 34.08 14.64
CA MET D 80 24.04 34.20 13.98
C MET D 80 24.58 35.62 13.97
N GLY D 81 23.77 36.60 14.38
CA GLY D 81 24.10 38.01 14.29
C GLY D 81 23.68 38.66 12.99
N THR D 82 24.26 38.20 11.90
CA THR D 82 24.04 38.79 10.58
C THR D 82 23.73 37.72 9.56
N ARG D 83 23.01 38.14 8.50
CA ARG D 83 22.82 37.29 7.33
C ARG D 83 24.15 36.79 6.78
N GLU D 84 25.17 37.65 6.77
CA GLU D 84 26.44 37.29 6.15
C GLU D 84 27.12 36.16 6.92
N LYS D 85 27.00 36.16 8.25
CA LYS D 85 27.46 35.04 9.07
C LYS D 85 26.70 33.77 8.72
N LEU D 86 25.36 33.86 8.69
CA LEU D 86 24.51 32.72 8.36
C LEU D 86 24.98 32.05 7.07
N GLU D 87 25.24 32.85 6.03
CA GLU D 87 25.72 32.34 4.75
C GLU D 87 27.07 31.62 4.89
N GLU D 88 27.95 32.13 5.75
CA GLU D 88 29.30 31.51 5.91
C GLU D 88 29.16 30.18 6.65
N TYR D 89 28.28 30.12 7.65
CA TYR D 89 28.14 28.94 8.50
C TYR D 89 27.55 27.77 7.71
N PHE D 90 26.47 28.02 6.98
CA PHE D 90 25.89 27.01 6.10
C PHE D 90 26.68 26.88 4.80
N ASN D 91 27.57 27.82 4.52
CA ASN D 91 28.40 27.82 3.32
C ASN D 91 27.54 27.83 2.05
N LYS D 92 26.60 28.77 2.00
CA LYS D 92 25.60 28.84 0.95
C LYS D 92 24.99 30.24 0.98
N THR D 93 24.41 30.64 -0.15
CA THR D 93 23.71 31.91 -0.17
C THR D 93 22.39 31.79 0.58
N SER D 94 21.86 32.93 1.02
CA SER D 94 20.54 32.90 1.69
C SER D 94 19.53 32.19 0.78
N THR D 95 19.68 32.34 -0.54
CA THR D 95 18.70 31.75 -1.44
C THR D 95 18.86 30.23 -1.54
N GLN D 96 20.10 29.74 -1.54
CA GLN D 96 20.33 28.29 -1.47
C GLN D 96 19.74 27.70 -0.19
N ILE D 97 19.90 28.43 0.92
CA ILE D 97 19.39 28.00 2.22
C ILE D 97 17.86 27.99 2.22
N ARG D 98 17.24 29.05 1.69
CA ARG D 98 15.77 29.11 1.66
C ARG D 98 15.18 27.93 0.89
N GLU D 99 15.75 27.56 -0.26
CA GLU D 99 15.22 26.43 -1.02
C GLU D 99 15.29 25.13 -0.21
N ALA D 100 16.46 24.83 0.37
CA ALA D 100 16.60 23.61 1.17
C ALA D 100 15.61 23.63 2.33
N MET D 101 15.43 24.80 2.95
CA MET D 101 14.55 24.85 4.11
C MET D 101 13.10 24.67 3.68
N ARG D 102 12.79 24.95 2.41
CA ARG D 102 11.42 24.83 1.92
C ARG D 102 11.05 23.36 1.76
N GLU D 103 11.93 22.57 1.13
CA GLU D 103 11.75 21.13 1.06
C GLU D 103 11.51 20.54 2.47
N ASN D 104 12.45 20.78 3.38
CA ASN D 104 12.36 20.19 4.72
C ASN D 104 11.11 20.69 5.47
N ALA D 105 10.77 21.97 5.31
CA ALA D 105 9.63 22.52 6.05
C ALA D 105 8.32 21.93 5.56
N ARG D 106 8.17 21.78 4.24
CA ARG D 106 6.98 21.15 3.70
C ARG D 106 6.81 19.75 4.27
N ASP D 107 7.81 18.89 4.05
CA ASP D 107 7.77 17.50 4.53
C ASP D 107 7.51 17.46 6.03
N GLY D 108 8.28 18.25 6.79
CA GLY D 108 8.06 18.37 8.22
C GLY D 108 6.63 18.72 8.59
N LEU D 109 6.04 19.70 7.89
CA LEU D 109 4.69 20.14 8.19
C LEU D 109 3.65 19.08 7.77
N ILE D 110 3.93 18.34 6.68
CA ILE D 110 3.03 17.27 6.29
C ILE D 110 3.01 16.18 7.35
N VAL D 111 4.20 15.76 7.79
CA VAL D 111 4.29 14.70 8.79
C VAL D 111 3.57 15.14 10.06
N GLN D 112 3.78 16.38 10.47
CA GLN D 112 3.15 16.90 11.68
C GLN D 112 1.63 16.86 11.58
N ARG D 113 1.07 17.30 10.45
CA ARG D 113 -0.38 17.21 10.28
C ARG D 113 -0.83 15.75 10.25
N MET D 114 -0.11 14.89 9.54
CA MET D 114 -0.50 13.47 9.53
C MET D 114 -0.51 12.91 10.95
N GLN D 115 0.53 13.20 11.74
CA GLN D 115 0.58 12.64 13.09
C GLN D 115 -0.50 13.22 13.97
N GLN D 116 -0.82 14.51 13.82
CA GLN D 116 -1.89 15.09 14.63
C GLN D 116 -3.22 14.40 14.35
N LYS D 117 -3.49 14.13 13.08
CA LYS D 117 -4.71 13.38 12.72
C LYS D 117 -4.69 12.00 13.36
N LEU D 118 -3.54 11.32 13.32
CA LEU D 118 -3.44 9.94 13.78
C LEU D 118 -3.64 9.82 15.29
N VAL D 119 -3.26 10.83 16.08
CA VAL D 119 -3.24 10.72 17.53
C VAL D 119 -4.15 11.72 18.21
N GLY D 120 -4.94 12.48 17.44
CA GLY D 120 -5.71 13.60 18.00
C GLY D 120 -6.85 13.17 18.90
N ASP D 121 -7.22 11.89 18.90
CA ASP D 121 -8.24 11.36 19.78
C ASP D 121 -7.67 10.57 20.95
N ILE D 122 -6.33 10.50 21.06
CA ILE D 122 -5.69 9.82 22.18
C ILE D 122 -5.82 10.70 23.42
N LYS D 123 -6.44 10.17 24.47
CA LYS D 123 -6.71 10.93 25.69
C LYS D 123 -6.12 10.24 26.91
N VAL D 124 -5.92 11.03 27.97
CA VAL D 124 -5.49 10.53 29.28
C VAL D 124 -6.44 11.04 30.36
N THR D 125 -6.59 10.18 31.51
CA THR D 125 -7.39 10.58 32.67
C THR D 125 -6.50 11.16 33.77
N PRO D 126 -7.07 12.07 34.58
CA PRO D 126 -6.39 12.55 35.79
C PRO D 126 -5.76 11.44 36.62
N ALA D 127 -6.51 10.34 36.81
CA ALA D 127 -5.98 9.21 37.56
C ALA D 127 -4.68 8.69 36.94
N GLU D 128 -4.63 8.65 35.61
CA GLU D 128 -3.42 8.18 34.91
C GLU D 128 -2.24 9.10 35.15
N VAL D 129 -2.47 10.41 35.16
CA VAL D 129 -1.40 11.38 35.42
C VAL D 129 -0.84 11.18 36.82
N ARG D 130 -1.73 11.12 37.83
CA ARG D 130 -1.32 10.88 39.22
C ARG D 130 -0.47 9.62 39.33
N ARG D 131 -0.90 8.55 38.66
CA ARG D 131 -0.15 7.29 38.70
C ARG D 131 1.24 7.45 38.12
N TYR D 132 1.35 8.03 36.91
CA TYR D 132 2.65 8.28 36.31
C TYR D 132 3.59 9.01 37.25
N PHE D 133 3.09 10.05 37.94
CA PHE D 133 3.99 10.82 38.78
C PHE D 133 4.32 10.05 40.05
N LYS D 134 3.32 9.40 40.65
CA LYS D 134 3.55 8.60 41.85
C LYS D 134 4.71 7.64 41.65
N GLU D 135 4.80 7.04 40.46
CA GLU D 135 5.69 5.91 40.20
C GLU D 135 7.11 6.31 39.79
N LEU D 136 7.43 7.60 39.64
CA LEU D 136 8.81 7.87 39.24
C LEU D 136 9.77 7.80 40.42
N PRO D 137 11.06 7.51 40.17
CA PRO D 137 12.05 7.65 41.24
C PRO D 137 12.32 9.13 41.52
N GLN D 138 13.21 9.39 42.47
CA GLN D 138 13.55 10.80 42.81
C GLN D 138 14.36 11.43 41.68
N ASP D 139 15.29 10.68 41.08
CA ASP D 139 16.18 11.27 40.07
C ASP D 139 15.50 11.42 38.73
N SER D 140 14.26 10.96 38.58
CA SER D 140 13.50 11.03 37.34
C SER D 140 12.32 11.99 37.43
N ILE D 141 12.35 12.91 38.38
CA ILE D 141 11.32 13.95 38.45
C ILE D 141 11.59 15.00 37.37
N PRO D 142 10.59 15.31 36.53
CA PRO D 142 10.81 16.24 35.41
C PRO D 142 10.99 17.69 35.85
N TYR D 143 11.98 18.34 35.24
CA TYR D 143 12.20 19.77 35.43
C TYR D 143 11.23 20.60 34.56
N VAL D 144 10.51 21.52 35.19
CA VAL D 144 9.66 22.48 34.49
C VAL D 144 10.47 23.76 34.28
N PRO D 145 10.78 24.14 33.04
CA PRO D 145 11.59 25.36 32.84
C PRO D 145 10.84 26.63 33.22
N THR D 146 11.60 27.69 33.45
CA THR D 146 11.07 29.04 33.64
C THR D 146 10.03 29.41 32.56
N GLN D 147 8.88 29.93 33.01
CA GLN D 147 7.83 30.44 32.12
C GLN D 147 7.51 31.89 32.46
N VAL D 148 7.46 32.75 31.43
CA VAL D 148 7.15 34.17 31.57
C VAL D 148 5.95 34.51 30.71
N GLU D 149 5.15 35.49 31.14
CA GLU D 149 4.20 36.20 30.29
C GLU D 149 4.70 37.62 30.03
N VAL D 150 4.53 38.10 28.80
CA VAL D 150 5.14 39.35 28.33
C VAL D 150 4.11 40.15 27.52
N GLN D 151 3.95 41.43 27.87
CA GLN D 151 3.14 42.36 27.09
C GLN D 151 4.06 43.30 26.32
N ILE D 152 3.66 43.67 25.11
CA ILE D 152 4.54 44.41 24.23
C ILE D 152 3.79 45.59 23.61
N ILE D 153 4.50 46.70 23.44
CA ILE D 153 4.10 47.83 22.61
C ILE D 153 5.21 48.08 21.60
N THR D 154 4.85 48.18 20.32
CA THR D 154 5.81 48.36 19.24
C THR D 154 5.50 49.60 18.41
N GLN D 155 6.56 50.18 17.83
CA GLN D 155 6.44 51.21 16.79
C GLN D 155 7.52 51.01 15.73
N GLN D 156 7.10 51.09 14.45
CA GLN D 156 8.05 51.07 13.34
C GLN D 156 8.82 52.38 13.30
N PRO D 157 10.12 52.35 13.04
CA PRO D 157 10.86 53.60 12.76
C PRO D 157 10.38 54.27 11.48
N LYS D 158 10.53 55.59 11.43
CA LYS D 158 10.13 56.40 10.29
C LYS D 158 11.21 56.38 9.20
N ILE D 159 10.82 56.13 7.96
CA ILE D 159 11.70 56.32 6.80
C ILE D 159 11.57 57.77 6.33
N PRO D 160 12.61 58.59 6.42
CA PRO D 160 12.50 59.97 5.95
C PRO D 160 12.28 60.05 4.44
N VAL D 161 11.56 61.09 4.01
CA VAL D 161 11.26 61.26 2.58
C VAL D 161 12.57 61.33 1.76
N ALA D 162 13.61 61.98 2.29
CA ALA D 162 14.86 62.07 1.55
C ALA D 162 15.40 60.70 1.18
N GLU D 163 15.14 59.67 2.01
CA GLU D 163 15.62 58.32 1.74
C GLU D 163 14.79 57.65 0.65
N ILE D 164 13.46 57.84 0.68
CA ILE D 164 12.62 57.31 -0.38
C ILE D 164 13.03 57.92 -1.72
N GLU D 165 13.35 59.22 -1.71
CA GLU D 165 13.71 59.91 -2.94
C GLU D 165 15.05 59.41 -3.47
N ASP D 166 15.99 59.07 -2.56
CA ASP D 166 17.29 58.54 -2.99
C ASP D 166 17.11 57.22 -3.72
N VAL D 167 16.20 56.37 -3.22
CA VAL D 167 15.89 55.10 -3.88
C VAL D 167 15.28 55.36 -5.26
N LYS D 168 14.32 56.28 -5.34
CA LYS D 168 13.69 56.60 -6.61
C LYS D 168 14.74 57.13 -7.60
N ARG D 169 15.64 57.99 -7.11
CA ARG D 169 16.73 58.52 -7.93
C ARG D 169 17.54 57.42 -8.58
N ARG D 170 18.01 56.45 -7.79
CA ARG D 170 18.84 55.38 -8.33
C ARG D 170 18.09 54.54 -9.37
N LEU D 171 16.80 54.26 -9.13
CA LEU D 171 16.04 53.48 -10.10
C LEU D 171 15.85 54.25 -11.41
N ARG D 172 15.71 55.58 -11.34
CA ARG D 172 15.65 56.35 -12.58
C ARG D 172 17.00 56.34 -13.30
N GLU D 173 18.11 56.33 -12.56
CA GLU D 173 19.43 56.26 -13.20
C GLU D 173 19.64 54.90 -13.85
N TYR D 174 19.34 53.82 -13.11
CA TYR D 174 19.45 52.49 -13.71
C TYR D 174 18.59 52.42 -14.97
N THR D 175 17.36 52.96 -14.92
CA THR D 175 16.48 52.99 -16.09
C THR D 175 17.16 53.72 -17.26
N ASP D 176 17.75 54.89 -16.99
CA ASP D 176 18.38 55.65 -18.05
C ASP D 176 19.53 54.87 -18.68
N ARG D 177 20.40 54.29 -17.84
CA ARG D 177 21.61 53.61 -18.31
C ARG D 177 21.26 52.40 -19.18
N ILE D 178 20.25 51.62 -18.79
CA ILE D 178 19.87 50.44 -19.56
C ILE D 178 19.26 50.85 -20.91
N ASN D 179 18.38 51.85 -20.90
CA ASN D 179 17.76 52.31 -22.14
C ASN D 179 18.81 52.79 -23.13
N LYS D 180 19.82 53.48 -22.64
CA LYS D 180 20.83 54.13 -23.45
C LYS D 180 21.98 53.21 -23.79
N GLY D 181 21.85 51.91 -23.50
CA GLY D 181 22.83 50.93 -23.89
C GLY D 181 24.11 50.94 -23.07
N GLU D 182 24.15 51.70 -21.97
CA GLU D 182 25.37 51.77 -21.17
C GLU D 182 25.52 50.53 -20.30
N SER D 183 24.39 49.88 -19.98
CA SER D 183 24.42 48.65 -19.15
C SER D 183 23.14 47.86 -19.42
N ASP D 184 23.20 46.53 -19.39
CA ASP D 184 21.97 45.77 -19.58
C ASP D 184 21.31 45.48 -18.23
N PHE D 185 20.01 45.18 -18.31
CA PHE D 185 19.17 45.04 -17.13
C PHE D 185 19.72 43.97 -16.19
N SER D 186 20.18 42.84 -16.73
CA SER D 186 20.66 41.74 -15.89
C SER D 186 21.86 42.14 -15.05
N THR D 187 22.77 42.91 -15.62
CA THR D 187 23.98 43.32 -14.89
C THR D 187 23.63 44.23 -13.71
N LEU D 188 22.80 45.25 -13.94
CA LEU D 188 22.43 46.14 -12.85
C LEU D 188 21.63 45.40 -11.78
N ALA D 189 20.87 44.38 -12.19
CA ALA D 189 20.11 43.57 -11.23
C ALA D 189 21.05 42.74 -10.37
N LEU D 190 22.04 42.08 -10.98
CA LEU D 190 23.06 41.36 -10.22
C LEU D 190 23.75 42.28 -9.24
N LEU D 191 24.14 43.47 -9.69
CA LEU D 191 24.90 44.40 -8.87
C LEU D 191 24.05 44.99 -7.74
N TYR D 192 22.80 45.36 -8.03
CA TYR D 192 22.11 46.31 -7.15
C TYR D 192 20.78 45.82 -6.61
N SER D 193 20.12 44.89 -7.29
CA SER D 193 18.83 44.40 -6.82
C SER D 193 18.97 43.76 -5.43
N GLU D 194 18.02 44.05 -4.56
CA GLU D 194 17.98 43.51 -3.21
C GLU D 194 17.00 42.36 -3.06
N ASP D 195 16.36 41.94 -4.14
CA ASP D 195 15.71 40.63 -4.21
C ASP D 195 16.75 39.55 -4.52
N ARG D 196 17.35 38.98 -3.45
CA ARG D 196 18.43 38.02 -3.57
C ARG D 196 18.10 36.85 -4.51
N GLY D 197 16.86 36.37 -4.44
CA GLY D 197 16.47 35.19 -5.22
C GLY D 197 16.48 35.41 -6.72
N SER D 198 16.09 36.61 -7.18
CA SER D 198 16.07 36.91 -8.60
C SER D 198 17.38 37.53 -9.09
N ALA D 199 18.11 38.22 -8.21
CA ALA D 199 19.30 38.99 -8.59
C ALA D 199 20.35 38.12 -9.30
N ILE D 200 20.64 36.94 -8.77
CA ILE D 200 21.71 36.10 -9.36
C ILE D 200 21.32 35.72 -10.80
N LYS D 201 20.02 35.59 -11.06
CA LYS D 201 19.51 35.21 -12.38
C LYS D 201 19.23 36.46 -13.22
N GLY D 202 20.06 37.48 -13.06
CA GLY D 202 19.88 38.76 -13.75
C GLY D 202 18.50 39.37 -13.57
N GLY D 203 17.87 39.17 -12.41
CA GLY D 203 16.58 39.77 -12.13
C GLY D 203 15.38 38.91 -12.45
N GLU D 204 15.57 37.73 -13.06
CA GLU D 204 14.49 36.91 -13.59
C GLU D 204 13.65 36.25 -12.48
N THR D 205 12.33 36.50 -12.51
CA THR D 205 11.39 35.93 -11.55
C THR D 205 10.91 34.51 -11.90
N GLY D 206 10.94 34.14 -13.19
CA GLY D 206 10.19 32.99 -13.67
C GLY D 206 8.71 33.31 -13.83
N PHE D 207 8.00 32.40 -14.52
CA PHE D 207 6.63 32.70 -14.93
C PHE D 207 5.69 32.76 -13.72
N MET D 208 4.66 33.61 -13.85
CA MET D 208 3.78 33.94 -12.73
C MET D 208 2.44 34.42 -13.28
N GLY D 209 1.34 33.89 -12.71
CA GLY D 209 0.01 34.41 -13.03
C GLY D 209 -0.35 35.66 -12.24
N LYS D 210 -1.27 36.46 -12.81
CA LYS D 210 -1.57 37.80 -12.28
C LYS D 210 -1.96 37.78 -10.81
N GLY D 211 -2.66 36.73 -10.36
CA GLY D 211 -3.10 36.63 -8.98
C GLY D 211 -2.02 36.17 -8.02
N GLN D 212 -0.88 35.79 -8.57
CA GLN D 212 0.27 35.26 -7.85
C GLN D 212 1.32 36.33 -7.57
N MET D 213 1.09 37.56 -8.04
CA MET D 213 1.96 38.72 -7.88
C MET D 213 1.28 39.74 -6.96
N VAL D 214 2.08 40.46 -6.17
CA VAL D 214 1.56 41.60 -5.40
C VAL D 214 0.88 42.56 -6.37
N PRO D 215 -0.20 43.26 -6.00
CA PRO D 215 -0.98 44.09 -6.96
C PRO D 215 -0.25 45.08 -7.90
N GLU D 216 0.56 45.96 -7.32
CA GLU D 216 1.20 47.02 -8.16
C GLU D 216 2.12 46.35 -9.18
N TYR D 217 2.93 45.40 -8.72
CA TYR D 217 3.82 44.67 -9.66
C TYR D 217 2.95 44.12 -10.78
N ALA D 218 1.91 43.38 -10.41
CA ALA D 218 0.99 42.77 -11.41
C ALA D 218 0.60 43.81 -12.46
N ASN D 219 -0.02 44.90 -12.05
CA ASN D 219 -0.52 45.88 -13.05
C ASN D 219 0.63 46.35 -13.96
N VAL D 220 1.69 46.88 -13.33
CA VAL D 220 2.75 47.48 -14.20
C VAL D 220 3.25 46.43 -15.18
N ALA D 221 3.44 45.20 -14.72
CA ALA D 221 4.00 44.14 -15.60
C ALA D 221 3.03 43.84 -16.74
N PHE D 222 1.79 43.53 -16.41
CA PHE D 222 0.83 43.14 -17.47
C PHE D 222 0.65 44.30 -18.47
N ASN D 223 1.13 45.50 -18.13
CA ASN D 223 1.08 46.55 -19.20
C ASN D 223 2.34 46.58 -20.10
N LEU D 224 3.27 45.61 -20.04
CA LEU D 224 4.51 45.57 -20.80
C LEU D 224 4.34 44.71 -22.07
N GLN D 225 4.56 45.32 -23.23
CA GLN D 225 4.22 44.71 -24.52
C GLN D 225 5.42 44.12 -25.26
N ASP D 226 6.64 44.51 -24.91
CA ASP D 226 7.85 43.99 -25.54
C ASP D 226 8.95 43.87 -24.49
N THR D 227 10.07 43.28 -24.91
CA THR D 227 11.14 42.87 -24.01
C THR D 227 12.18 43.97 -23.78
N LYS D 228 11.93 45.19 -24.27
CA LYS D 228 12.89 46.28 -24.15
C LYS D 228 12.47 47.32 -23.12
N LYS D 229 11.16 47.64 -23.06
CA LYS D 229 10.68 48.74 -22.23
C LYS D 229 10.84 48.42 -20.75
N ILE D 230 11.24 49.42 -19.96
CA ILE D 230 11.31 49.33 -18.51
C ILE D 230 10.13 50.06 -17.89
N SER D 231 9.41 49.37 -17.00
CA SER D 231 8.27 49.95 -16.28
C SER D 231 8.69 51.19 -15.48
N LYS D 232 7.70 52.03 -15.19
CA LYS D 232 7.86 53.06 -14.17
C LYS D 232 8.18 52.43 -12.82
N ILE D 233 8.65 53.29 -11.91
CA ILE D 233 8.90 52.89 -10.52
C ILE D 233 7.57 52.49 -9.86
N VAL D 234 7.54 51.30 -9.26
CA VAL D 234 6.33 50.81 -8.61
C VAL D 234 6.67 50.36 -7.18
N GLU D 235 5.92 50.87 -6.20
CA GLU D 235 6.10 50.52 -4.80
C GLU D 235 5.30 49.28 -4.44
N SER D 236 5.94 48.33 -3.74
CA SER D 236 5.30 47.16 -3.20
C SER D 236 5.63 47.05 -1.71
N GLU D 237 5.12 46.01 -1.06
CA GLU D 237 5.44 45.79 0.38
C GLU D 237 6.93 45.48 0.52
N TYR D 238 7.56 45.03 -0.57
CA TYR D 238 8.98 44.69 -0.53
C TYR D 238 9.90 45.89 -0.78
N GLY D 239 9.37 46.97 -1.33
CA GLY D 239 10.17 48.14 -1.67
C GLY D 239 9.81 48.75 -3.01
N PHE D 240 10.81 49.21 -3.77
CA PHE D 240 10.60 49.90 -5.04
C PHE D 240 11.20 49.11 -6.20
N HIS D 241 10.38 48.86 -7.24
CA HIS D 241 10.73 48.01 -8.38
C HIS D 241 10.80 48.80 -9.69
N ILE D 242 11.67 48.35 -10.61
CA ILE D 242 11.48 48.53 -12.04
C ILE D 242 11.46 47.16 -12.72
N ILE D 243 10.59 47.01 -13.72
CA ILE D 243 10.25 45.70 -14.29
C ILE D 243 10.44 45.72 -15.80
N GLN D 244 10.99 44.62 -16.34
CA GLN D 244 11.10 44.39 -17.78
C GLN D 244 10.54 43.02 -18.14
N LEU D 245 9.81 42.97 -19.27
CA LEU D 245 9.27 41.71 -19.78
C LEU D 245 10.37 40.78 -20.28
N ILE D 246 10.25 39.50 -19.95
CA ILE D 246 11.06 38.45 -20.58
C ILE D 246 10.26 37.70 -21.63
N GLU D 247 9.09 37.18 -21.25
CA GLU D 247 8.28 36.32 -22.12
C GLU D 247 6.84 36.29 -21.62
N LYS D 248 5.90 36.52 -22.53
CA LYS D 248 4.47 36.29 -22.32
C LYS D 248 4.09 34.89 -22.79
N ARG D 249 3.39 34.14 -21.92
CA ARG D 249 2.88 32.80 -22.31
C ARG D 249 1.44 32.64 -21.79
N GLY D 250 0.49 33.26 -22.48
CA GLY D 250 -0.93 33.24 -22.07
C GLY D 250 -1.28 34.41 -21.14
N ASP D 251 -1.82 34.10 -19.97
CA ASP D 251 -2.08 35.09 -18.93
C ASP D 251 -0.98 35.08 -17.87
N ARG D 252 0.09 34.30 -18.11
CA ARG D 252 1.23 34.16 -17.22
C ARG D 252 2.43 34.81 -17.90
N ILE D 253 3.12 35.71 -17.20
CA ILE D 253 4.26 36.42 -17.76
C ILE D 253 5.51 36.16 -16.92
N ASN D 254 6.65 36.05 -17.59
CA ASN D 254 7.95 36.00 -16.95
C ASN D 254 8.59 37.38 -17.02
N THR D 255 9.06 37.89 -15.89
CA THR D 255 9.65 39.21 -15.81
C THR D 255 11.00 39.19 -15.09
N ARG D 256 11.74 40.28 -15.26
CA ARG D 256 12.92 40.57 -14.47
C ARG D 256 12.72 41.93 -13.80
N HIS D 257 13.31 42.11 -12.63
CA HIS D 257 13.10 43.36 -11.94
C HIS D 257 14.35 43.72 -11.14
N ILE D 258 14.44 44.99 -10.78
CA ILE D 258 15.42 45.49 -9.81
C ILE D 258 14.66 46.07 -8.63
N LEU D 259 14.88 45.49 -7.45
CA LEU D 259 14.22 45.90 -6.21
C LEU D 259 15.19 46.67 -5.33
N LEU D 260 14.80 47.89 -4.92
CA LEU D 260 15.53 48.66 -3.93
C LEU D 260 14.70 48.88 -2.68
N LYS D 261 15.35 48.77 -1.51
CA LYS D 261 14.72 48.97 -0.19
C LYS D 261 15.25 50.23 0.48
N PRO D 262 14.39 51.12 0.93
CA PRO D 262 14.86 52.25 1.75
C PRO D 262 15.45 51.81 3.07
N LYS D 263 16.58 52.41 3.43
CA LYS D 263 17.27 52.09 4.67
C LYS D 263 16.68 52.84 5.87
N VAL D 264 16.60 52.14 7.00
CA VAL D 264 16.37 52.75 8.30
C VAL D 264 17.70 53.16 8.90
N SER D 265 17.82 54.43 9.31
CA SER D 265 19.05 54.92 9.94
C SER D 265 19.03 54.73 11.46
N ASP D 266 20.24 54.70 12.03
CA ASP D 266 20.39 54.78 13.48
C ASP D 266 19.66 55.99 14.05
N LYS D 267 19.64 57.11 13.32
CA LYS D 267 18.98 58.32 13.82
C LYS D 267 17.51 58.06 14.09
N GLU D 268 16.83 57.42 13.14
CA GLU D 268 15.39 57.21 13.27
C GLU D 268 15.08 56.11 14.28
N LEU D 269 15.93 55.09 14.39
CA LEU D 269 15.73 54.07 15.42
C LEU D 269 15.81 54.67 16.82
N ASP D 270 16.81 55.54 17.05
CA ASP D 270 16.94 56.22 18.34
C ASP D 270 15.74 57.10 18.62
N GLU D 271 15.22 57.82 17.60
CA GLU D 271 14.05 58.66 17.85
C GLU D 271 12.83 57.83 18.15
N ALA D 272 12.69 56.68 17.48
CA ALA D 272 11.57 55.79 17.74
C ALA D 272 11.65 55.22 19.15
N ASN D 273 12.85 54.75 19.56
CA ASN D 273 13.03 54.27 20.93
C ASN D 273 12.79 55.38 21.95
N ALA D 274 13.11 56.63 21.61
CA ALA D 274 12.88 57.71 22.55
C ALA D 274 11.39 57.96 22.74
N ARG D 275 10.62 57.87 21.65
CA ARG D 275 9.17 58.01 21.74
C ARG D 275 8.57 56.87 22.57
N LEU D 276 9.08 55.65 22.42
CA LEU D 276 8.60 54.55 23.24
C LEU D 276 8.99 54.72 24.71
N ASP D 277 10.21 55.22 24.97
CA ASP D 277 10.62 55.49 26.36
C ASP D 277 9.74 56.56 26.99
N SER D 278 9.29 57.53 26.19
CA SER D 278 8.33 58.51 26.68
C SER D 278 6.98 57.85 27.00
N ILE D 279 6.50 56.97 26.11
CA ILE D 279 5.28 56.22 26.39
C ILE D 279 5.43 55.41 27.67
N ALA D 280 6.58 54.75 27.84
CA ALA D 280 6.81 53.95 29.05
C ALA D 280 6.70 54.81 30.30
N ASN D 281 7.25 56.03 30.27
CA ASN D 281 7.16 56.88 31.44
C ASN D 281 5.73 57.37 31.65
N ASP D 282 4.96 57.55 30.58
CA ASP D 282 3.55 57.87 30.76
C ASP D 282 2.80 56.75 31.47
N ILE D 283 3.20 55.49 31.25
CA ILE D 283 2.53 54.37 31.92
C ILE D 283 2.90 54.33 33.40
N ARG D 284 4.19 54.51 33.70
CA ARG D 284 4.65 54.51 35.09
C ARG D 284 4.06 55.67 35.89
N SER D 285 3.80 56.81 35.23
CA SER D 285 3.13 57.98 35.79
C SER D 285 1.62 57.86 35.87
N ASP D 286 1.03 56.73 35.46
CA ASP D 286 -0.41 56.51 35.45
C ASP D 286 -1.18 57.50 34.57
N LYS D 287 -0.53 58.04 33.54
CA LYS D 287 -1.26 58.69 32.46
C LYS D 287 -1.99 57.64 31.63
N PHE D 288 -1.41 56.45 31.53
CA PHE D 288 -2.02 55.30 30.90
C PHE D 288 -1.68 54.06 31.71
N THR D 289 -2.55 53.06 31.61
CA THR D 289 -2.10 51.72 31.97
C THR D 289 -1.44 51.12 30.74
N PHE D 290 -0.70 50.03 30.95
CA PHE D 290 -0.09 49.35 29.81
C PHE D 290 -1.15 48.91 28.80
N ASP D 291 -2.31 48.43 29.27
CA ASP D 291 -3.34 47.99 28.34
C ASP D 291 -3.80 49.14 27.45
N GLN D 292 -4.05 50.32 28.05
CA GLN D 292 -4.58 51.45 27.30
C GLN D 292 -3.56 51.96 26.32
N ALA D 293 -2.29 52.05 26.74
CA ALA D 293 -1.24 52.51 25.84
C ALA D 293 -1.06 51.52 24.69
N ALA D 294 -1.15 50.23 24.97
CA ALA D 294 -1.03 49.26 23.88
C ALA D 294 -2.19 49.42 22.89
N SER D 295 -3.42 49.60 23.40
CA SER D 295 -4.58 49.69 22.50
C SER D 295 -4.54 50.99 21.69
N ALA D 296 -4.03 52.07 22.29
CA ALA D 296 -4.01 53.35 21.60
C ALA D 296 -2.79 53.50 20.69
N LEU D 297 -1.63 52.98 21.09
CA LEU D 297 -0.38 53.39 20.47
C LEU D 297 0.37 52.27 19.76
N SER D 298 0.16 51.01 20.14
CA SER D 298 0.98 49.94 19.60
C SER D 298 0.64 49.65 18.14
N GLN D 299 1.67 49.39 17.35
CA GLN D 299 1.52 48.97 15.97
C GLN D 299 1.59 47.46 15.80
N ASP D 300 1.61 46.67 16.88
CA ASP D 300 1.67 45.22 16.77
C ASP D 300 0.24 44.67 16.66
N LYS D 301 -0.18 44.39 15.42
CA LYS D 301 -1.54 43.92 15.14
C LYS D 301 -1.88 42.64 15.92
N ASP D 302 -0.93 41.71 16.02
CA ASP D 302 -1.20 40.43 16.67
C ASP D 302 -1.61 40.58 18.14
N THR D 303 -1.16 41.63 18.84
CA THR D 303 -1.35 41.75 20.28
C THR D 303 -2.10 43.00 20.73
N ARG D 304 -2.12 44.07 19.93
CA ARG D 304 -2.67 45.34 20.42
C ARG D 304 -4.14 45.23 20.81
N ASN D 305 -4.91 44.31 20.25
CA ASN D 305 -6.36 44.23 20.56
C ASN D 305 -6.58 43.36 21.80
N ASN D 306 -5.51 42.82 22.38
CA ASN D 306 -5.56 41.99 23.58
C ASN D 306 -4.50 42.47 24.57
N HIS D 307 -4.44 43.78 24.81
CA HIS D 307 -3.63 44.38 25.87
C HIS D 307 -2.12 44.21 25.64
N GLY D 308 -1.70 43.97 24.40
CA GLY D 308 -0.31 43.72 24.08
C GLY D 308 0.21 42.38 24.51
N LEU D 309 -0.63 41.52 25.09
CA LEU D 309 -0.21 40.21 25.56
C LEU D 309 0.32 39.34 24.41
N MET D 310 1.59 38.94 24.50
CA MET D 310 2.19 38.09 23.49
C MET D 310 1.66 36.66 23.56
N GLN D 311 1.39 36.07 22.39
CA GLN D 311 0.88 34.71 22.27
C GLN D 311 2.01 33.81 21.81
N ASN D 312 2.18 32.69 22.50
CA ASN D 312 3.23 31.71 22.21
C ASN D 312 2.79 30.82 21.06
N PRO D 313 3.52 30.77 19.94
CA PRO D 313 3.13 29.85 18.85
C PRO D 313 3.34 28.37 19.18
N GLN D 314 4.23 28.04 20.12
CA GLN D 314 4.46 26.65 20.53
C GLN D 314 3.19 26.01 21.09
N ASN D 315 2.64 26.62 22.13
CA ASN D 315 1.37 26.19 22.69
C ASN D 315 0.41 27.24 22.20
N GLN D 316 -0.79 27.32 22.76
CA GLN D 316 -1.70 28.34 22.24
C GLN D 316 -1.93 29.45 23.25
N THR D 317 -1.06 29.58 24.25
CA THR D 317 -1.28 30.44 25.40
C THR D 317 -0.27 31.59 25.48
N ALA D 318 -0.39 32.36 26.55
CA ALA D 318 0.51 33.47 26.85
C ALA D 318 1.82 33.02 27.50
N LYS D 319 1.95 31.74 27.93
CA LYS D 319 3.13 31.29 28.65
C LYS D 319 4.25 30.95 27.67
N PHE D 320 5.40 31.59 27.85
CA PHE D 320 6.59 31.30 27.08
C PHE D 320 7.64 30.65 27.96
N GLU D 321 8.35 29.65 27.44
CA GLU D 321 9.70 29.44 27.94
C GLU D 321 10.64 30.43 27.28
N MET D 322 11.76 30.72 27.96
CA MET D 322 12.66 31.77 27.52
C MET D 322 13.12 31.55 26.08
N GLN D 323 13.20 30.29 25.65
CA GLN D 323 13.72 29.99 24.32
C GLN D 323 12.63 30.15 23.27
N ASP D 324 11.35 30.12 23.67
CA ASP D 324 10.19 30.32 22.80
C ASP D 324 9.97 31.78 22.44
N LEU D 325 10.78 32.68 22.96
CA LEU D 325 10.64 34.10 22.76
C LEU D 325 11.54 34.56 21.60
N PRO D 326 11.15 35.59 20.85
CA PRO D 326 12.14 36.27 20.02
C PRO D 326 13.30 36.63 20.93
N GLN D 327 14.50 36.20 20.56
CA GLN D 327 15.61 36.24 21.50
C GLN D 327 16.04 37.65 21.86
N GLU D 328 15.75 38.69 21.06
CA GLU D 328 16.04 40.03 21.54
C GLU D 328 15.15 40.37 22.72
N ILE D 329 13.92 39.82 22.75
CA ILE D 329 13.00 40.04 23.84
C ILE D 329 13.40 39.20 25.06
N ALA D 330 13.73 37.91 24.83
CA ALA D 330 14.28 37.04 25.87
C ALA D 330 15.45 37.70 26.60
N LYS D 331 16.36 38.35 25.87
CA LYS D 331 17.53 38.96 26.49
C LYS D 331 17.14 40.11 27.40
N VAL D 332 16.08 40.85 27.02
CA VAL D 332 15.59 41.95 27.85
C VAL D 332 14.85 41.41 29.07
N VAL D 333 13.92 40.47 28.85
CA VAL D 333 13.10 39.93 29.91
C VAL D 333 13.97 39.29 31.00
N ASP D 334 15.03 38.60 30.58
CA ASP D 334 15.89 37.85 31.50
C ASP D 334 16.39 38.73 32.64
N LYS D 335 16.55 40.03 32.39
CA LYS D 335 17.13 40.95 33.36
C LYS D 335 16.08 41.76 34.11
N MET D 336 14.78 41.44 33.95
CA MET D 336 13.67 42.26 34.42
C MET D 336 13.01 41.63 35.65
N ASN D 337 12.49 42.47 36.53
CA ASN D 337 11.60 41.94 37.56
C ASN D 337 10.16 42.02 37.07
N ILE D 338 9.29 41.23 37.70
CA ILE D 338 7.86 41.26 37.38
C ILE D 338 7.31 42.67 37.56
N GLY D 339 6.53 43.14 36.58
CA GLY D 339 5.89 44.43 36.64
C GLY D 339 6.70 45.56 36.04
N GLU D 340 7.98 45.35 35.74
CA GLU D 340 8.76 46.40 35.12
C GLU D 340 8.38 46.55 33.65
N ILE D 341 8.59 47.76 33.13
CA ILE D 341 8.59 48.04 31.70
C ILE D 341 10.03 48.31 31.28
N SER D 342 10.46 47.66 30.21
CA SER D 342 11.82 47.75 29.73
C SER D 342 12.11 49.12 29.10
N LYS D 343 13.40 49.45 29.05
CA LYS D 343 13.87 50.43 28.08
C LYS D 343 13.47 49.99 26.68
N ALA D 344 13.19 50.96 25.82
CA ALA D 344 12.88 50.69 24.42
C ALA D 344 14.09 50.11 23.69
N PHE D 345 13.86 49.11 22.86
CA PHE D 345 14.95 48.46 22.15
C PHE D 345 14.52 48.15 20.72
N THR D 346 15.50 48.12 19.82
CA THR D 346 15.28 47.67 18.44
C THR D 346 15.32 46.15 18.35
N MET D 347 14.41 45.59 17.56
CA MET D 347 14.46 44.18 17.21
C MET D 347 14.03 44.02 15.76
N VAL D 348 14.32 42.86 15.20
CA VAL D 348 13.77 42.45 13.91
C VAL D 348 12.65 41.47 14.18
N ASN D 349 11.44 41.82 13.74
CA ASN D 349 10.29 40.95 14.00
C ASN D 349 10.47 39.69 13.15
N PRO D 350 10.44 38.48 13.74
CA PRO D 350 10.85 37.30 12.98
C PRO D 350 9.82 36.83 11.98
N LYS D 351 8.57 37.25 12.14
CA LYS D 351 7.47 36.82 11.27
C LYS D 351 7.50 37.53 9.92
N ASP D 352 7.97 38.77 9.88
CA ASP D 352 7.97 39.53 8.64
C ASP D 352 9.32 40.15 8.25
N GLY D 353 10.38 40.01 9.06
CA GLY D 353 11.69 40.56 8.73
C GLY D 353 11.92 42.05 8.97
N LYS D 354 10.96 42.78 9.51
CA LYS D 354 11.05 44.24 9.62
C LYS D 354 11.61 44.66 10.98
N GLU D 355 12.60 45.57 10.95
CA GLU D 355 13.02 46.27 12.18
C GLU D 355 11.86 47.02 12.81
N VAL D 356 11.62 46.77 14.11
CA VAL D 356 10.67 47.54 14.91
C VAL D 356 11.33 47.92 16.24
N CYS D 357 10.71 48.88 16.90
CA CYS D 357 11.10 49.33 18.23
C CYS D 357 10.03 48.94 19.23
N ALA D 358 10.44 48.48 20.41
CA ALA D 358 9.50 47.92 21.37
C ALA D 358 9.85 48.30 22.79
N ILE D 359 8.82 48.37 23.64
CA ILE D 359 8.96 48.21 25.08
C ILE D 359 8.17 46.98 25.50
N VAL D 360 8.72 46.20 26.44
CA VAL D 360 7.99 45.07 26.99
C VAL D 360 7.81 45.22 28.49
N LYS D 361 6.68 44.70 28.95
CA LYS D 361 6.39 44.54 30.37
C LYS D 361 6.39 43.06 30.74
N LEU D 362 7.13 42.72 31.79
CA LEU D 362 7.08 41.37 32.36
C LEU D 362 5.82 41.25 33.22
N LYS D 363 4.80 40.58 32.68
CA LYS D 363 3.57 40.37 33.43
C LYS D 363 3.77 39.38 34.58
N SER D 364 4.54 38.33 34.38
CA SER D 364 4.59 37.22 35.33
C SER D 364 5.80 36.34 35.03
N ARG D 365 6.36 35.76 36.09
CA ARG D 365 7.44 34.79 35.95
C ARG D 365 7.24 33.65 36.94
N ILE D 366 7.32 32.41 36.45
CA ILE D 366 7.36 31.22 37.29
C ILE D 366 8.74 30.61 37.09
N ASN D 367 9.58 30.67 38.13
CA ASN D 367 10.95 30.18 38.00
C ASN D 367 10.96 28.67 37.75
N GLY D 368 12.02 28.19 37.08
CA GLY D 368 12.28 26.78 36.90
C GLY D 368 12.22 25.96 38.17
N HIS D 369 11.63 24.77 38.13
CA HIS D 369 11.43 23.98 39.32
C HIS D 369 11.20 22.51 38.94
N LYS D 370 11.42 21.63 39.92
CA LYS D 370 10.99 20.24 39.82
C LYS D 370 9.48 20.18 39.89
N ALA D 371 8.89 19.36 39.02
CA ALA D 371 7.44 19.27 38.92
C ALA D 371 6.81 18.69 40.19
N THR D 372 5.61 19.16 40.48
CA THR D 372 4.77 18.57 41.51
C THR D 372 3.44 18.25 40.87
N ILE D 373 2.78 17.21 41.38
CA ILE D 373 1.45 16.87 40.88
C ILE D 373 0.44 17.96 41.23
N THR D 374 0.69 18.71 42.30
CA THR D 374 -0.25 19.73 42.77
C THR D 374 -0.25 20.95 41.86
N ASP D 375 0.94 21.44 41.50
CA ASP D 375 1.12 22.72 40.84
C ASP D 375 1.61 22.61 39.40
N ASP D 376 2.05 21.43 38.96
CA ASP D 376 2.48 21.21 37.59
C ASP D 376 1.72 20.07 36.93
N TYR D 377 0.42 19.96 37.22
CA TYR D 377 -0.41 18.90 36.64
C TYR D 377 -0.40 18.99 35.12
N GLN D 378 -0.77 20.15 34.57
CA GLN D 378 -0.83 20.37 33.13
C GLN D 378 0.46 19.94 32.43
N ASN D 379 1.61 20.31 33.00
CA ASN D 379 2.88 19.91 32.42
C ASN D 379 3.03 18.39 32.46
N LEU D 380 2.76 17.80 33.63
CA LEU D 380 2.89 16.35 33.81
C LEU D 380 1.92 15.62 32.90
N LYS D 381 0.75 16.21 32.65
CA LYS D 381 -0.22 15.62 31.73
C LYS D 381 0.34 15.54 30.32
N GLU D 382 0.99 16.60 29.85
CA GLU D 382 1.51 16.58 28.49
C GLU D 382 2.57 15.49 28.32
N ILE D 383 3.41 15.28 29.33
CA ILE D 383 4.40 14.19 29.24
C ILE D 383 3.71 12.86 29.05
N VAL D 384 2.62 12.61 29.79
CA VAL D 384 1.94 11.32 29.74
C VAL D 384 1.21 11.17 28.42
N LEU D 385 0.50 12.23 28.02
CA LEU D 385 -0.15 12.29 26.72
C LEU D 385 0.84 11.92 25.62
N ASP D 386 1.99 12.60 25.58
CA ASP D 386 3.00 12.35 24.56
C ASP D 386 3.47 10.90 24.55
N LYS D 387 3.60 10.27 25.73
CA LYS D 387 3.99 8.87 25.75
C LYS D 387 2.89 8.00 25.14
N ARG D 388 1.62 8.32 25.42
CA ARG D 388 0.52 7.54 24.86
C ARG D 388 0.41 7.77 23.35
N ARG D 389 0.52 9.04 22.92
CA ARG D 389 0.56 9.36 21.50
C ARG D 389 1.62 8.54 20.79
N GLU D 390 2.82 8.52 21.38
CA GLU D 390 3.95 7.85 20.75
C GLU D 390 3.64 6.36 20.58
N GLU D 391 3.00 5.75 21.57
CA GLU D 391 2.66 4.33 21.48
C GLU D 391 1.66 4.10 20.35
N ALA D 392 0.70 5.02 20.18
CA ALA D 392 -0.25 4.91 19.08
C ALA D 392 0.45 5.02 17.73
N LEU D 393 1.40 5.95 17.61
CA LEU D 393 2.12 6.10 16.35
C LEU D 393 2.92 4.84 16.00
N GLN D 394 3.49 4.18 17.02
CA GLN D 394 4.23 2.94 16.77
C GLN D 394 3.29 1.83 16.31
N LYS D 395 2.13 1.70 16.96
CA LYS D 395 1.14 0.73 16.50
C LYS D 395 0.73 1.03 15.06
N TRP D 396 0.52 2.31 14.74
CA TRP D 396 0.13 2.68 13.38
C TRP D 396 1.20 2.28 12.35
N ILE D 397 2.47 2.52 12.67
CA ILE D 397 3.56 2.22 11.74
C ILE D 397 3.56 0.74 11.41
N VAL D 398 3.34 -0.11 12.44
CA VAL D 398 3.34 -1.56 12.28
C VAL D 398 2.26 -2.00 11.29
N GLU D 399 1.04 -1.46 11.45
CA GLU D 399 -0.04 -1.78 10.51
C GLU D 399 0.24 -1.21 9.13
N LYS D 400 0.78 0.02 9.07
CA LYS D 400 0.94 0.71 7.79
C LYS D 400 1.95 -0.02 6.90
N GLN D 401 3.05 -0.50 7.48
CA GLN D 401 4.11 -1.11 6.66
C GLN D 401 3.61 -2.39 6.00
N LYS D 402 2.63 -3.07 6.59
CA LYS D 402 2.08 -4.26 5.92
C LYS D 402 1.35 -3.90 4.63
N HIS D 403 0.94 -2.64 4.49
CA HIS D 403 0.02 -2.22 3.44
C HIS D 403 0.67 -1.22 2.49
N THR D 404 2.01 -1.16 2.47
CA THR D 404 2.73 -0.19 1.67
C THR D 404 3.83 -0.87 0.87
N TYR D 405 3.96 -0.48 -0.38
CA TYR D 405 5.03 -0.93 -1.24
C TYR D 405 6.38 -0.45 -0.73
N VAL D 406 7.33 -1.38 -0.64
CA VAL D 406 8.67 -1.02 -0.09
C VAL D 406 9.74 -1.90 -0.73
N ARG D 407 10.79 -1.28 -1.27
CA ARG D 407 11.91 -2.04 -1.82
C ARG D 407 13.19 -1.43 -1.26
N ILE D 408 14.11 -2.29 -0.81
CA ILE D 408 15.30 -1.87 -0.10
C ILE D 408 16.53 -2.30 -0.88
N ASN D 409 17.49 -1.39 -0.97
CA ASN D 409 18.80 -1.73 -1.51
C ASN D 409 19.42 -2.93 -0.78
N PRO D 410 19.87 -3.96 -1.50
CA PRO D 410 20.37 -5.18 -0.84
C PRO D 410 21.65 -5.00 -0.05
N ALA D 411 22.34 -3.85 -0.15
CA ALA D 411 23.43 -3.59 0.77
C ALA D 411 22.95 -3.36 2.20
N TRP D 412 21.64 -3.21 2.42
CA TRP D 412 21.06 -3.11 3.75
C TRP D 412 20.38 -4.41 4.17
N GLN D 413 20.62 -5.50 3.44
CA GLN D 413 20.07 -6.78 3.81
C GLN D 413 20.65 -7.27 5.14
N ARG D 414 21.86 -6.83 5.50
CA ARG D 414 22.47 -7.22 6.77
C ARG D 414 21.68 -6.70 7.95
N CYS D 415 20.80 -5.72 7.75
CA CYS D 415 20.11 -5.03 8.84
C CYS D 415 18.93 -5.87 9.37
N ASP D 416 18.84 -5.98 10.70
CA ASP D 416 17.63 -6.44 11.37
C ASP D 416 16.83 -5.20 11.76
N PHE D 417 15.79 -4.88 10.97
CA PHE D 417 15.02 -3.66 11.14
C PHE D 417 13.94 -3.81 12.22
N LYS D 418 13.61 -2.68 12.87
CA LYS D 418 12.51 -2.67 13.82
C LYS D 418 11.16 -3.02 13.17
N TYR D 419 10.81 -2.36 12.06
CA TYR D 419 9.44 -2.44 11.56
C TYR D 419 9.28 -3.31 10.33
N TRP D 420 10.33 -3.56 9.57
CA TRP D 420 10.24 -4.40 8.39
C TRP D 420 10.95 -5.70 8.72
N SER D 421 10.15 -6.76 8.94
CA SER D 421 10.65 -8.03 9.43
C SER D 421 11.17 -8.93 8.32
N HIS D 422 10.60 -8.84 7.12
CA HIS D 422 10.99 -9.70 5.99
C HIS D 422 10.91 -8.90 4.69
N PRO D 423 11.69 -7.83 4.58
CA PRO D 423 11.54 -6.93 3.43
C PRO D 423 12.03 -7.52 2.11
N GLN D 424 11.55 -6.89 1.05
CA GLN D 424 11.94 -7.19 -0.32
C GLN D 424 13.16 -6.38 -0.71
N PHE D 425 14.23 -7.06 -1.16
CA PHE D 425 15.51 -6.45 -1.57
C PHE D 425 15.69 -6.61 -3.08
N GLU D 426 15.23 -5.63 -3.86
CA GLU D 426 15.31 -5.77 -5.32
C GLU D 426 16.68 -5.33 -5.82
N LYS D 427 17.43 -6.27 -6.41
CA LYS D 427 18.81 -5.92 -6.86
C LYS D 427 18.74 -4.79 -7.89
#